data_5JA8
#
_entry.id   5JA8
#
_cell.length_a   76.000
_cell.length_b   109.280
_cell.length_c   117.480
_cell.angle_alpha   90.000
_cell.angle_beta   90.000
_cell.angle_gamma   90.000
#
_symmetry.space_group_name_H-M   'P 21 21 21'
#
loop_
_entity.id
_entity.type
_entity.pdbx_description
1 polymer 'Toxin HigB-2'
2 polymer 'Nanobody 2'
3 non-polymer 'PHOSPHATE ION'
4 non-polymer 'ACETATE ION'
5 non-polymer 1,2-ETHANEDIOL
6 non-polymer '4-(2-HYDROXYETHYL)-1-PIPERAZINE ETHANESULFONIC ACID'
7 non-polymer 1,3-PROPANDIOL
8 water water
#
loop_
_entity_poly.entity_id
_entity_poly.type
_entity_poly.pdbx_seq_one_letter_code
_entity_poly.pdbx_strand_id
1 'polypeptide(L)'
;HMKSVFVESTIFEKYRDEYLSDEEYRLFQAELMLNPKLGDVIQGTGGLRKIRVASKGKGKRGGSRIIYYFLDEKRRFYLL
TIYGKNEMSDLNANQRKQLMAFMEAWRNEQS
;
A,C,E,G
2 'polypeptide(L)'
;QVQLQESGGGLVQPGGSLRLSCAASGFTLDYYAIGWFRQAPGKEREGVSCISSSGGTTNYADSVKGRFTVSRDNAKNTVY
LQMNSLKPEDTAVYYCVADFACPLIREYDYWGQGTQVTVSSHHHHHH
;
B,D,F,H
#
loop_
_chem_comp.id
_chem_comp.type
_chem_comp.name
_chem_comp.formula
ACT non-polymer 'ACETATE ION' 'C2 H3 O2 -1'
EDO non-polymer 1,2-ETHANEDIOL 'C2 H6 O2'
EPE non-polymer '4-(2-HYDROXYETHYL)-1-PIPERAZINE ETHANESULFONIC ACID' 'C8 H18 N2 O4 S'
PDO non-polymer 1,3-PROPANDIOL 'C3 H8 O2'
PO4 non-polymer 'PHOSPHATE ION' 'O4 P -3'
#
# COMPACT_ATOMS: atom_id res chain seq x y z
N HIS A 1 49.44 13.86 -13.64
CA HIS A 1 48.22 13.43 -14.32
C HIS A 1 48.40 13.48 -15.83
N MET A 2 47.82 12.49 -16.52
CA MET A 2 47.89 12.42 -17.99
C MET A 2 46.56 12.71 -18.67
N LYS A 3 46.61 13.55 -19.70
CA LYS A 3 45.44 13.85 -20.51
C LYS A 3 44.92 12.56 -21.15
N SER A 4 43.60 12.42 -21.26
CA SER A 4 43.03 11.23 -21.87
C SER A 4 43.27 11.21 -23.37
N VAL A 5 43.53 10.01 -23.90
CA VAL A 5 43.72 9.83 -25.33
C VAL A 5 42.41 9.38 -25.99
N PHE A 6 41.32 9.39 -25.24
CA PHE A 6 40.02 8.97 -25.80
C PHE A 6 39.04 10.14 -25.91
N VAL A 7 38.38 10.23 -27.06
CA VAL A 7 37.53 11.38 -27.34
C VAL A 7 36.18 10.89 -27.84
N GLU A 8 35.11 11.30 -27.15
CA GLU A 8 33.77 10.84 -27.49
C GLU A 8 32.99 11.86 -28.27
N SER A 9 32.38 11.43 -29.38
CA SER A 9 31.43 12.27 -30.10
C SER A 9 30.19 12.42 -29.23
N THR A 10 29.38 13.45 -29.48
CA THR A 10 28.12 13.63 -28.77
C THR A 10 27.26 12.37 -28.83
N ILE A 11 27.20 11.77 -30.01
CA ILE A 11 26.38 10.57 -30.22
C ILE A 11 26.85 9.41 -29.35
N PHE A 12 28.15 9.17 -29.31
CA PHE A 12 28.70 8.11 -28.47
C PHE A 12 28.40 8.33 -27.00
N GLU A 13 28.60 9.56 -26.57
CA GLU A 13 28.34 9.96 -25.20
C GLU A 13 26.87 9.76 -24.88
N LYS A 14 26.00 10.10 -25.82
CA LYS A 14 24.58 9.93 -25.60
C LYS A 14 24.25 8.47 -25.32
N TYR A 15 24.92 7.57 -26.04
CA TYR A 15 24.57 6.15 -26.00
C TYR A 15 25.45 5.22 -25.17
N ARG A 16 26.57 5.69 -24.63
CA ARG A 16 27.56 4.77 -24.08
C ARG A 16 27.05 3.97 -22.88
N ASP A 17 26.52 4.66 -21.88
CA ASP A 17 26.06 4.01 -20.65
C ASP A 17 24.97 2.96 -20.93
N GLU A 18 24.22 3.12 -22.01
CA GLU A 18 23.21 2.13 -22.37
C GLU A 18 23.83 0.79 -22.74
N TYR A 19 24.94 0.84 -23.48
CA TYR A 19 25.56 -0.36 -24.02
C TYR A 19 26.73 -0.92 -23.25
N LEU A 20 27.32 -0.11 -22.36
CA LEU A 20 28.50 -0.53 -21.59
C LEU A 20 28.52 0.05 -20.19
N SER A 21 28.83 -0.80 -19.21
CA SER A 21 29.15 -0.32 -17.88
C SER A 21 30.51 0.37 -17.89
N ASP A 22 30.76 1.20 -16.89
CA ASP A 22 32.06 1.85 -16.75
C ASP A 22 33.19 0.81 -16.75
N GLU A 23 33.02 -0.26 -15.99
CA GLU A 23 34.03 -1.32 -15.93
C GLU A 23 34.33 -1.90 -17.31
N GLU A 24 33.28 -2.14 -18.09
CA GLU A 24 33.45 -2.73 -19.41
C GLU A 24 34.11 -1.73 -20.35
N TYR A 25 33.72 -0.47 -20.20
CA TYR A 25 34.26 0.62 -20.99
C TYR A 25 35.76 0.79 -20.70
N ARG A 26 36.14 0.71 -19.43
CA ARG A 26 37.56 0.79 -19.04
C ARG A 26 38.39 -0.30 -19.69
N LEU A 27 37.87 -1.52 -19.71
CA LEU A 27 38.59 -2.65 -20.30
C LEU A 27 38.70 -2.47 -21.80
N PHE A 28 37.62 -2.01 -22.44
CA PHE A 28 37.64 -1.75 -23.88
C PHE A 28 38.71 -0.74 -24.28
N GLN A 29 38.78 0.37 -23.55
CA GLN A 29 39.82 1.36 -23.78
C GLN A 29 41.21 0.77 -23.61
N ALA A 30 41.37 -0.08 -22.60
CA ALA A 30 42.66 -0.71 -22.34
C ALA A 30 43.06 -1.62 -23.50
N GLU A 31 42.09 -2.29 -24.11
CA GLU A 31 42.34 -3.14 -25.27
C GLU A 31 42.74 -2.32 -26.47
N LEU A 32 42.04 -1.21 -26.67
CA LEU A 32 42.37 -0.29 -27.75
C LEU A 32 43.75 0.28 -27.57
N MET A 33 44.09 0.65 -26.34
CA MET A 33 45.41 1.22 -26.03
C MET A 33 46.52 0.30 -26.52
N LEU A 34 46.37 -0.98 -26.25
CA LEU A 34 47.35 -1.99 -26.62
C LEU A 34 47.28 -2.35 -28.08
N ASN A 35 46.11 -2.22 -28.68
CA ASN A 35 45.91 -2.63 -30.06
C ASN A 35 44.97 -1.67 -30.78
N PRO A 36 45.53 -0.57 -31.30
CA PRO A 36 44.73 0.48 -31.94
C PRO A 36 44.11 0.02 -33.26
N LYS A 37 44.56 -1.10 -33.79
CA LYS A 37 44.06 -1.65 -35.03
C LYS A 37 43.18 -2.81 -34.73
N LEU A 38 42.67 -2.81 -33.55
CA LEU A 38 41.75 -3.85 -33.08
C LEU A 38 40.53 -4.06 -33.98
N GLY A 39 39.93 -3.02 -34.49
CA GLY A 39 38.79 -3.24 -35.33
C GLY A 39 39.12 -3.22 -36.79
N ASP A 40 38.18 -3.64 -37.60
CA ASP A 40 38.34 -3.68 -39.04
C ASP A 40 37.93 -2.37 -39.69
N VAL A 41 38.66 -2.00 -40.73
CA VAL A 41 38.44 -0.75 -41.43
C VAL A 41 37.16 -0.75 -42.27
N ILE A 42 36.35 0.28 -42.08
CA ILE A 42 35.17 0.52 -42.89
C ILE A 42 35.58 1.23 -44.19
N GLN A 43 35.31 0.59 -45.32
CA GLN A 43 35.79 1.10 -46.62
C GLN A 43 35.28 2.50 -46.99
N GLY A 44 36.17 3.31 -47.53
CA GLY A 44 35.86 4.66 -47.99
C GLY A 44 35.58 5.68 -46.91
N THR A 45 35.96 5.34 -45.68
CA THR A 45 35.79 6.26 -44.55
C THR A 45 37.06 6.98 -44.08
N GLY A 46 38.18 6.72 -44.75
CA GLY A 46 39.44 7.31 -44.31
C GLY A 46 40.04 6.68 -43.05
N GLY A 47 39.73 5.41 -42.82
CA GLY A 47 40.34 4.68 -41.72
C GLY A 47 39.49 4.48 -40.48
N LEU A 48 38.19 4.71 -40.58
CA LEU A 48 37.29 4.40 -39.48
C LEU A 48 37.23 2.89 -39.29
N ARG A 49 37.27 2.43 -38.05
CA ARG A 49 37.23 1.02 -37.79
C ARG A 49 35.97 0.66 -37.03
N LYS A 50 35.59 -0.60 -37.12
CA LYS A 50 34.38 -1.10 -36.51
C LYS A 50 34.72 -2.31 -35.63
N ILE A 51 34.33 -2.26 -34.36
CA ILE A 51 34.66 -3.34 -33.42
C ILE A 51 33.46 -3.80 -32.60
N ARG A 52 33.26 -5.11 -32.49
CA ARG A 52 32.19 -5.64 -31.65
C ARG A 52 32.73 -6.02 -30.27
N VAL A 53 32.04 -5.57 -29.23
CA VAL A 53 32.41 -5.80 -27.84
C VAL A 53 31.36 -6.73 -27.24
N ALA A 54 31.83 -7.81 -26.62
CA ALA A 54 30.98 -8.96 -26.29
C ALA A 54 30.02 -8.85 -25.11
N SER A 55 30.27 -7.94 -24.17
CA SER A 55 29.36 -7.75 -23.03
C SER A 55 28.91 -9.05 -22.35
N ARG A 61 21.91 -9.40 -21.86
CA ARG A 61 22.37 -8.15 -22.43
C ARG A 61 22.43 -8.24 -23.96
N GLY A 62 23.58 -7.90 -24.53
CA GLY A 62 23.79 -8.03 -25.96
C GLY A 62 25.21 -7.67 -26.33
N GLY A 63 25.61 -7.91 -27.58
CA GLY A 63 26.90 -7.43 -28.02
C GLY A 63 26.77 -6.05 -28.62
N SER A 64 27.81 -5.23 -28.45
CA SER A 64 27.83 -3.87 -29.00
C SER A 64 28.81 -3.71 -30.14
N ARG A 65 28.49 -2.86 -31.08
CA ARG A 65 29.44 -2.42 -32.03
C ARG A 65 29.90 -1.01 -31.76
N ILE A 66 31.19 -0.82 -31.81
CA ILE A 66 31.75 0.52 -31.61
C ILE A 66 32.49 0.94 -32.87
N ILE A 67 32.33 2.20 -33.25
CA ILE A 67 33.03 2.74 -34.39
C ILE A 67 33.99 3.82 -33.92
N TYR A 68 35.25 3.69 -34.32
CA TYR A 68 36.23 4.63 -33.83
C TYR A 68 37.26 4.95 -34.88
N TYR A 69 38.01 6.02 -34.66
CA TYR A 69 39.13 6.30 -35.54
C TYR A 69 40.35 6.53 -34.67
N PHE A 70 41.46 5.92 -35.09
CA PHE A 70 42.71 6.13 -34.38
C PHE A 70 43.47 7.20 -35.14
N LEU A 71 43.80 8.28 -34.44
CA LEU A 71 44.60 9.32 -35.05
C LEU A 71 46.05 9.01 -34.68
N ASP A 72 46.78 8.53 -35.67
CA ASP A 72 48.12 7.99 -35.47
C ASP A 72 49.09 9.08 -35.05
N GLU A 73 48.91 10.26 -35.62
CA GLU A 73 49.78 11.39 -35.35
C GLU A 73 49.92 11.65 -33.85
N LYS A 74 48.79 11.80 -33.17
CA LYS A 74 48.80 12.10 -31.74
C LYS A 74 48.58 10.86 -30.86
N ARG A 75 48.44 9.70 -31.48
CA ARG A 75 48.13 8.48 -30.74
C ARG A 75 46.91 8.72 -29.84
N ARG A 76 45.80 9.06 -30.48
CA ARG A 76 44.61 9.49 -29.76
C ARG A 76 43.41 8.80 -30.41
N PHE A 77 42.46 8.35 -29.59
CA PHE A 77 41.31 7.60 -30.11
C PHE A 77 40.03 8.43 -30.18
N TYR A 78 39.34 8.34 -31.32
CA TYR A 78 38.05 9.01 -31.46
C TYR A 78 36.92 7.99 -31.52
N LEU A 79 36.06 8.02 -30.52
CA LEU A 79 34.92 7.12 -30.44
C LEU A 79 33.68 7.79 -31.06
N LEU A 80 33.25 7.26 -32.19
CA LEU A 80 32.20 7.83 -33.03
C LEU A 80 30.82 7.57 -32.48
N THR A 81 30.49 6.29 -32.40
CA THR A 81 29.16 5.90 -32.05
C THR A 81 29.22 4.50 -31.47
N ILE A 82 28.13 4.09 -30.83
CA ILE A 82 28.02 2.73 -30.34
C ILE A 82 26.56 2.28 -30.51
N TYR A 83 26.37 1.03 -30.91
CA TYR A 83 25.02 0.54 -31.22
C TYR A 83 24.89 -0.97 -31.13
N GLY A 84 23.65 -1.46 -31.05
CA GLY A 84 23.35 -2.88 -31.06
C GLY A 84 23.06 -3.33 -32.48
N LYS A 85 22.75 -4.63 -32.65
CA LYS A 85 22.54 -5.17 -33.98
C LYS A 85 21.44 -4.42 -34.75
N ASN A 86 21.75 -4.07 -36.00
CA ASN A 86 20.79 -3.48 -36.95
C ASN A 86 20.22 -2.12 -36.59
N GLU A 87 20.95 -1.33 -35.80
CA GLU A 87 20.52 0.03 -35.49
C GLU A 87 21.19 1.07 -36.39
N MET A 88 22.13 0.60 -37.20
CA MET A 88 22.86 1.44 -38.16
C MET A 88 22.65 0.88 -39.56
N SER A 89 22.88 1.71 -40.57
CA SER A 89 22.61 1.33 -41.94
C SER A 89 23.82 1.46 -42.85
N ASP A 90 23.74 0.86 -44.03
CA ASP A 90 24.79 1.00 -45.03
C ASP A 90 24.88 2.44 -45.52
N LEU A 91 26.09 2.90 -45.71
CA LEU A 91 26.33 4.24 -46.17
C LEU A 91 26.45 4.31 -47.65
N ASN A 92 26.05 5.43 -48.20
CA ASN A 92 26.21 5.68 -49.59
C ASN A 92 27.26 6.75 -49.73
N ALA A 93 27.55 7.15 -50.96
CA ALA A 93 28.61 8.10 -51.19
C ALA A 93 28.48 9.42 -50.49
N ASN A 94 27.33 10.05 -50.60
CA ASN A 94 27.11 11.34 -49.98
C ASN A 94 27.31 11.28 -48.46
N GLN A 95 26.95 10.14 -47.86
CA GLN A 95 27.05 9.98 -46.41
C GLN A 95 28.50 9.74 -45.97
N ARG A 96 29.25 9.03 -46.78
CA ARG A 96 30.65 8.80 -46.50
C ARG A 96 31.40 10.11 -46.62
N LYS A 97 30.98 10.93 -47.55
CA LYS A 97 31.58 12.25 -47.77
C LYS A 97 31.40 13.09 -46.51
N GLN A 98 30.15 13.17 -46.05
CA GLN A 98 29.82 13.95 -44.87
C GLN A 98 30.52 13.43 -43.63
N LEU A 99 30.53 12.12 -43.48
CA LEU A 99 31.16 11.47 -42.34
C LEU A 99 32.67 11.75 -42.29
N MET A 100 33.32 11.79 -43.44
CA MET A 100 34.74 12.07 -43.46
C MET A 100 34.99 13.54 -43.12
N ALA A 101 34.11 14.42 -43.58
CA ALA A 101 34.22 15.84 -43.25
C ALA A 101 33.97 16.01 -41.77
N PHE A 102 33.01 15.26 -41.25
CA PHE A 102 32.73 15.29 -39.82
C PHE A 102 33.97 14.90 -39.01
N MET A 103 34.56 13.77 -39.35
CA MET A 103 35.77 13.32 -38.66
C MET A 103 36.84 14.40 -38.69
N GLU A 104 37.05 14.92 -39.80
CA GLU A 104 37.93 16.08 -39.94
C GLU A 104 37.49 17.26 -39.08
N ALA A 105 36.48 17.77 -39.24
CA ALA A 105 36.09 18.97 -38.49
C ALA A 105 36.28 18.77 -36.99
N TRP A 106 35.85 17.60 -36.53
CA TRP A 106 35.93 17.19 -35.14
C TRP A 106 37.37 17.08 -34.70
N ARG A 107 38.15 16.37 -35.51
CA ARG A 107 39.58 16.19 -35.27
C ARG A 107 40.26 17.55 -35.07
N ASN A 108 39.81 18.55 -35.80
CA ASN A 108 40.39 19.89 -35.75
C ASN A 108 39.85 20.77 -34.62
N GLU A 109 38.66 20.46 -34.11
CA GLU A 109 38.15 21.16 -32.94
C GLU A 109 38.75 20.57 -31.66
N GLN A 110 38.92 19.25 -31.66
CA GLN A 110 39.59 18.55 -30.56
C GLN A 110 41.09 18.40 -30.80
N GLN B 1 25.11 15.94 -19.69
CA GLN B 1 23.90 15.45 -20.31
C GLN B 1 23.63 16.10 -21.65
N VAL B 2 23.62 15.31 -22.70
CA VAL B 2 23.33 15.87 -24.01
C VAL B 2 21.94 15.52 -24.50
N GLN B 3 21.23 16.51 -25.03
CA GLN B 3 19.87 16.36 -25.54
C GLN B 3 19.58 17.43 -26.59
N LEU B 4 18.49 17.25 -27.34
CA LEU B 4 17.99 18.27 -28.24
C LEU B 4 16.65 18.81 -27.71
N GLN B 5 16.46 20.13 -27.77
CA GLN B 5 15.28 20.73 -27.19
C GLN B 5 14.34 21.27 -28.27
N GLU B 6 13.20 20.60 -28.42
CA GLU B 6 12.23 20.90 -29.47
C GLU B 6 11.18 21.90 -28.99
N SER B 7 10.87 22.89 -29.80
CA SER B 7 9.84 23.85 -29.43
C SER B 7 9.22 24.45 -30.68
N GLY B 8 8.20 25.28 -30.49
CA GLY B 8 7.61 26.01 -31.58
C GLY B 8 6.33 25.38 -32.10
N GLY B 9 5.86 24.36 -31.42
CA GLY B 9 4.65 23.70 -31.80
C GLY B 9 3.42 24.50 -31.45
N GLY B 10 2.26 23.91 -31.63
CA GLY B 10 1.00 24.54 -31.34
C GLY B 10 -0.14 24.17 -32.26
N LEU B 11 -1.30 24.77 -32.05
CA LEU B 11 -2.48 24.57 -32.88
C LEU B 11 -2.64 25.64 -33.98
N VAL B 12 -3.01 25.19 -35.17
CA VAL B 12 -3.18 26.05 -36.33
C VAL B 12 -4.30 25.57 -37.22
N GLN B 13 -4.86 26.49 -37.99
CA GLN B 13 -5.88 26.17 -38.97
C GLN B 13 -5.22 25.49 -40.16
N PRO B 14 -5.98 24.66 -40.89
CA PRO B 14 -5.47 24.12 -42.16
C PRO B 14 -4.98 25.24 -43.09
N GLY B 15 -3.82 25.02 -43.71
CA GLY B 15 -3.18 26.03 -44.54
C GLY B 15 -2.20 26.89 -43.74
N GLY B 16 -2.29 26.81 -42.42
CA GLY B 16 -1.50 27.65 -41.54
C GLY B 16 -0.01 27.31 -41.53
N SER B 17 0.74 28.04 -40.70
CA SER B 17 2.18 27.83 -40.61
C SER B 17 2.65 27.71 -39.18
N LEU B 18 3.82 27.09 -39.04
CA LEU B 18 4.51 27.03 -37.76
C LEU B 18 5.99 26.95 -38.07
N ARG B 19 6.81 27.43 -37.14
CA ARG B 19 8.22 27.23 -37.31
C ARG B 19 8.71 26.51 -36.07
N LEU B 20 9.39 25.39 -36.29
CA LEU B 20 9.86 24.58 -35.20
C LEU B 20 11.34 24.80 -34.97
N SER B 21 11.79 24.62 -33.73
CA SER B 21 13.18 24.79 -33.37
C SER B 21 13.76 23.54 -32.74
N CYS B 22 15.00 23.22 -33.09
CA CYS B 22 15.74 22.14 -32.45
C CYS B 22 17.02 22.76 -31.92
N ALA B 23 17.15 22.84 -30.60
CA ALA B 23 18.30 23.48 -30.00
C ALA B 23 19.07 22.48 -29.17
N ALA B 24 20.36 22.34 -29.46
CA ALA B 24 21.19 21.40 -28.74
C ALA B 24 21.42 21.86 -27.31
N SER B 25 21.41 20.90 -26.38
CA SER B 25 21.73 21.18 -25.00
C SER B 25 22.85 20.25 -24.57
N GLY B 26 23.93 20.82 -24.02
CA GLY B 26 25.05 20.03 -23.56
C GLY B 26 26.05 19.70 -24.64
N PHE B 27 25.84 20.22 -25.84
CA PHE B 27 26.83 20.05 -26.90
C PHE B 27 26.62 21.09 -27.97
N THR B 28 27.53 21.09 -28.94
CA THR B 28 27.46 21.98 -30.09
C THR B 28 27.06 21.17 -31.33
N LEU B 29 26.01 21.58 -32.03
CA LEU B 29 25.51 20.77 -33.15
C LEU B 29 26.11 21.13 -34.50
N ASP B 30 27.06 22.05 -34.50
CA ASP B 30 27.65 22.59 -35.74
C ASP B 30 28.03 21.52 -36.77
N TYR B 31 28.75 20.50 -36.33
CA TYR B 31 29.31 19.52 -37.24
C TYR B 31 28.36 18.36 -37.55
N TYR B 32 27.25 18.29 -36.82
CA TYR B 32 26.34 17.16 -36.96
C TYR B 32 25.22 17.46 -37.93
N ALA B 33 24.80 16.43 -38.66
CA ALA B 33 23.54 16.51 -39.38
C ALA B 33 22.42 16.43 -38.38
N ILE B 34 21.30 17.06 -38.71
CA ILE B 34 20.12 17.06 -37.87
C ILE B 34 18.93 16.68 -38.72
N GLY B 35 17.99 15.97 -38.12
CA GLY B 35 16.82 15.55 -38.86
C GLY B 35 15.60 15.60 -37.97
N TRP B 36 14.44 15.59 -38.62
CA TRP B 36 13.16 15.62 -37.94
C TRP B 36 12.39 14.35 -38.25
N PHE B 37 11.79 13.75 -37.23
CA PHE B 37 10.76 12.77 -37.44
C PHE B 37 9.57 13.20 -36.60
N ARG B 38 8.42 12.60 -36.85
CA ARG B 38 7.22 12.93 -36.08
C ARG B 38 6.51 11.67 -35.71
N GLN B 39 5.70 11.74 -34.66
CA GLN B 39 4.89 10.62 -34.25
C GLN B 39 3.54 11.11 -33.80
N ALA B 40 2.50 10.53 -34.38
CA ALA B 40 1.13 10.77 -33.93
C ALA B 40 0.63 9.50 -33.27
N PRO B 41 -0.30 9.64 -32.33
CA PRO B 41 -0.87 8.47 -31.65
C PRO B 41 -1.55 7.54 -32.66
N GLY B 42 -1.25 6.25 -32.56
CA GLY B 42 -1.79 5.25 -33.46
C GLY B 42 -1.00 5.15 -34.75
N LYS B 43 0.14 5.83 -34.79
CA LYS B 43 1.01 5.81 -35.95
C LYS B 43 2.48 5.52 -35.57
N GLU B 44 3.23 4.93 -36.49
CA GLU B 44 4.65 4.69 -36.29
C GLU B 44 5.43 5.96 -36.52
N ARG B 45 6.66 6.02 -36.03
CA ARG B 45 7.53 7.13 -36.36
C ARG B 45 7.61 7.31 -37.87
N GLU B 46 7.50 8.55 -38.34
CA GLU B 46 7.74 8.80 -39.77
C GLU B 46 8.73 9.96 -39.94
N GLY B 47 9.73 9.73 -40.78
CA GLY B 47 10.71 10.76 -41.05
C GLY B 47 10.07 11.94 -41.75
N VAL B 48 10.45 13.14 -41.33
CA VAL B 48 9.96 14.36 -41.94
C VAL B 48 11.01 15.01 -42.83
N SER B 49 12.11 15.41 -42.21
CA SER B 49 13.13 16.17 -42.90
C SER B 49 14.51 15.94 -42.29
N CYS B 50 15.54 16.32 -43.05
CA CYS B 50 16.90 16.22 -42.55
C CYS B 50 17.83 17.24 -43.24
N ILE B 51 18.84 17.73 -42.52
CA ILE B 51 19.78 18.70 -43.08
C ILE B 51 21.23 18.42 -42.69
N SER B 52 22.13 18.59 -43.66
CA SER B 52 23.56 18.39 -43.44
C SER B 52 24.11 19.53 -42.58
N SER B 53 25.25 19.30 -41.95
CA SER B 53 25.89 20.33 -41.12
C SER B 53 26.15 21.64 -41.88
N SER B 54 26.54 21.54 -43.14
CA SER B 54 26.84 22.75 -43.90
C SER B 54 25.57 23.38 -44.46
N GLY B 55 24.45 22.67 -44.36
CA GLY B 55 23.20 23.16 -44.91
C GLY B 55 23.08 22.93 -46.41
N GLY B 56 24.17 22.49 -47.02
CA GLY B 56 24.21 22.26 -48.46
C GLY B 56 23.40 21.06 -48.93
N THR B 57 22.97 20.22 -47.99
CA THR B 57 22.14 19.07 -48.31
C THR B 57 20.90 19.04 -47.44
N THR B 58 19.73 19.01 -48.07
CA THR B 58 18.49 18.82 -47.32
C THR B 58 17.69 17.66 -47.89
N ASN B 59 16.89 17.04 -47.02
CA ASN B 59 16.00 15.96 -47.42
C ASN B 59 14.61 16.18 -46.86
N TYR B 60 13.61 15.69 -47.58
CA TYR B 60 12.23 15.81 -47.15
C TYR B 60 11.49 14.53 -47.50
N ALA B 61 10.58 14.11 -46.63
CA ALA B 61 9.66 13.04 -46.94
C ALA B 61 8.71 13.51 -48.04
N ASP B 62 8.24 12.59 -48.86
CA ASP B 62 7.37 12.92 -49.99
C ASP B 62 6.13 13.74 -49.61
N SER B 63 5.48 13.38 -48.51
CA SER B 63 4.20 14.00 -48.19
C SER B 63 4.34 15.43 -47.65
N VAL B 64 5.53 15.80 -47.20
CA VAL B 64 5.77 17.19 -46.82
C VAL B 64 6.57 18.00 -47.84
N LYS B 65 7.05 17.37 -48.91
CA LYS B 65 7.95 18.07 -49.84
C LYS B 65 7.31 19.28 -50.52
N GLY B 66 7.98 20.40 -50.50
CA GLY B 66 7.40 21.55 -51.10
C GLY B 66 6.83 22.46 -50.06
N ARG B 67 6.19 21.88 -49.08
CA ARG B 67 5.61 22.67 -48.02
C ARG B 67 6.59 23.01 -46.88
N PHE B 68 7.49 22.09 -46.56
CA PHE B 68 8.38 22.31 -45.44
C PHE B 68 9.74 22.80 -45.88
N THR B 69 10.37 23.61 -45.04
CA THR B 69 11.72 24.04 -45.31
C THR B 69 12.54 23.88 -44.05
N VAL B 70 13.63 23.15 -44.15
CA VAL B 70 14.53 22.99 -43.02
C VAL B 70 15.75 23.87 -43.18
N SER B 71 16.12 24.57 -42.11
CA SER B 71 17.31 25.41 -42.11
C SER B 71 18.03 25.31 -40.77
N ARG B 72 19.24 25.84 -40.71
CA ARG B 72 19.98 25.79 -39.47
C ARG B 72 20.76 27.09 -39.26
N ASP B 73 20.97 27.42 -37.99
CA ASP B 73 21.86 28.51 -37.64
C ASP B 73 22.85 27.96 -36.64
N ASN B 74 24.09 27.77 -37.09
CA ASN B 74 25.10 27.12 -36.27
C ASN B 74 25.62 28.02 -35.17
N ALA B 75 25.66 29.32 -35.44
CA ALA B 75 26.06 30.30 -34.44
C ALA B 75 25.04 30.34 -33.31
N LYS B 76 23.80 30.00 -33.62
CA LYS B 76 22.74 29.98 -32.62
C LYS B 76 22.48 28.59 -32.07
N ASN B 77 23.24 27.61 -32.54
CA ASN B 77 23.11 26.22 -32.08
C ASN B 77 21.68 25.70 -32.25
N THR B 78 21.01 26.12 -33.31
CA THR B 78 19.61 25.78 -33.51
C THR B 78 19.26 25.40 -34.95
N VAL B 79 18.42 24.39 -35.09
CA VAL B 79 17.92 23.99 -36.40
C VAL B 79 16.43 24.31 -36.46
N TYR B 80 15.93 24.72 -37.64
CA TYR B 80 14.54 25.14 -37.79
C TYR B 80 13.75 24.30 -38.80
N LEU B 81 12.45 24.16 -38.56
CA LEU B 81 11.58 23.59 -39.57
C LEU B 81 10.43 24.55 -39.84
N GLN B 82 10.44 25.15 -41.03
CA GLN B 82 9.36 26.02 -41.44
C GLN B 82 8.28 25.16 -42.07
N MET B 83 7.11 25.16 -41.46
CA MET B 83 5.98 24.37 -41.95
C MET B 83 4.93 25.30 -42.52
N ASN B 84 4.68 25.19 -43.80
CA ASN B 84 3.67 25.98 -44.47
C ASN B 84 2.62 25.09 -45.03
N SER B 85 1.43 25.63 -45.23
CA SER B 85 0.32 24.90 -45.82
C SER B 85 0.05 23.66 -45.05
N LEU B 86 -0.17 23.81 -43.77
CA LEU B 86 -0.30 22.65 -42.90
C LEU B 86 -1.62 21.93 -43.12
N LYS B 87 -1.55 20.60 -43.15
CA LYS B 87 -2.73 19.78 -43.38
C LYS B 87 -2.96 18.95 -42.14
N PRO B 88 -4.20 18.49 -41.93
CA PRO B 88 -4.53 17.65 -40.78
C PRO B 88 -3.63 16.43 -40.70
N GLU B 89 -3.08 16.02 -41.84
CA GLU B 89 -2.21 14.86 -41.92
C GLU B 89 -0.87 15.13 -41.23
N ASP B 90 -0.61 16.41 -40.94
CA ASP B 90 0.65 16.85 -40.33
C ASP B 90 0.57 16.91 -38.81
N THR B 91 -0.52 16.43 -38.27
CA THR B 91 -0.69 16.48 -36.84
C THR B 91 0.08 15.39 -36.13
N ALA B 92 0.99 15.78 -35.26
CA ALA B 92 1.86 14.83 -34.62
C ALA B 92 2.77 15.51 -33.65
N VAL B 93 3.48 14.73 -32.85
CA VAL B 93 4.55 15.29 -32.05
C VAL B 93 5.82 15.21 -32.83
N TYR B 94 6.54 16.32 -32.87
CA TYR B 94 7.73 16.43 -33.66
C TYR B 94 8.97 16.33 -32.80
N TYR B 95 9.92 15.54 -33.25
CA TYR B 95 11.13 15.20 -32.51
C TYR B 95 12.36 15.51 -33.36
N CYS B 96 13.44 15.89 -32.69
CA CYS B 96 14.71 16.23 -33.36
C CYS B 96 15.78 15.17 -33.13
N VAL B 97 16.83 14.69 -33.96
CA VAL B 97 17.96 13.82 -33.76
C VAL B 97 19.26 14.48 -34.25
N ALA B 98 20.18 14.21 -33.92
CA ALA B 98 21.49 14.59 -34.43
C ALA B 98 22.19 13.36 -35.01
N ASP B 99 22.90 13.53 -36.10
CA ASP B 99 23.54 12.40 -36.76
C ASP B 99 24.75 12.85 -37.56
N PHE B 100 25.45 11.89 -38.15
CA PHE B 100 26.68 12.19 -38.87
C PHE B 100 26.46 12.66 -40.30
N ALA B 101 25.29 12.37 -40.85
CA ALA B 101 25.04 12.74 -42.23
C ALA B 101 23.55 12.87 -42.54
N CYS B 102 23.26 13.59 -43.61
CA CYS B 102 21.94 13.66 -44.21
C CYS B 102 22.05 13.08 -45.61
N PRO B 103 21.35 11.98 -45.90
CA PRO B 103 20.30 11.27 -45.14
C PRO B 103 20.82 10.60 -43.87
N LEU B 104 19.91 10.43 -42.91
CA LEU B 104 20.25 9.86 -41.61
C LEU B 104 20.82 8.44 -41.72
N ILE B 105 21.79 8.16 -40.87
CA ILE B 105 22.38 6.84 -40.76
C ILE B 105 21.67 5.98 -39.73
N ARG B 106 21.53 6.49 -38.51
CA ARG B 106 20.96 5.71 -37.41
C ARG B 106 19.44 5.74 -37.44
N GLU B 107 18.83 4.66 -37.00
CA GLU B 107 17.37 4.57 -36.86
C GLU B 107 16.89 5.66 -35.91
N TYR B 108 15.67 6.13 -36.13
CA TYR B 108 15.11 7.20 -35.31
C TYR B 108 15.09 6.85 -33.83
N ASP B 109 15.45 7.83 -33.01
CA ASP B 109 15.43 7.68 -31.56
C ASP B 109 15.21 9.05 -30.94
N TYR B 110 14.65 9.05 -29.73
CA TYR B 110 14.24 10.31 -29.10
C TYR B 110 15.40 11.03 -28.43
N TRP B 111 15.61 12.28 -28.83
CA TRP B 111 16.62 13.13 -28.19
C TRP B 111 16.02 14.14 -27.22
N GLY B 112 14.69 14.15 -27.11
CA GLY B 112 13.97 15.14 -26.33
C GLY B 112 12.52 14.74 -26.16
N GLN B 113 11.70 15.61 -25.59
CA GLN B 113 10.28 15.29 -25.44
C GLN B 113 9.44 15.69 -26.65
N GLY B 114 9.98 16.48 -27.54
CA GLY B 114 9.24 16.84 -28.72
C GLY B 114 8.28 17.98 -28.55
N THR B 115 7.72 18.40 -29.65
CA THR B 115 6.80 19.50 -29.65
C THR B 115 5.53 19.11 -30.37
N GLN B 116 4.41 19.44 -29.81
CA GLN B 116 3.14 19.03 -30.35
C GLN B 116 2.69 19.96 -31.46
N VAL B 117 2.17 19.40 -32.52
CA VAL B 117 1.64 20.19 -33.59
C VAL B 117 0.26 19.68 -33.88
N THR B 118 -0.75 20.50 -33.68
CA THR B 118 -2.09 20.13 -34.11
C THR B 118 -2.60 21.07 -35.19
N VAL B 119 -3.02 20.50 -36.29
CA VAL B 119 -3.71 21.26 -37.33
C VAL B 119 -5.17 20.82 -37.43
N SER B 120 -6.10 21.69 -37.08
CA SER B 120 -7.51 21.31 -37.13
C SER B 120 -8.46 22.49 -37.21
N SER B 121 -9.66 22.21 -37.70
CA SER B 121 -10.70 23.23 -37.82
C SER B 121 -11.58 23.28 -36.58
N HIS C 1 46.15 17.95 -13.38
CA HIS C 1 47.15 18.17 -12.35
C HIS C 1 46.54 18.00 -10.96
N MET C 2 45.55 18.82 -10.65
CA MET C 2 44.84 18.73 -9.38
C MET C 2 43.43 18.18 -9.57
N LYS C 3 43.05 17.21 -8.75
CA LYS C 3 41.72 16.63 -8.82
C LYS C 3 40.68 17.72 -8.56
N SER C 4 39.55 17.63 -9.24
CA SER C 4 38.49 18.60 -9.04
C SER C 4 37.94 18.39 -7.65
N VAL C 5 37.60 19.49 -6.98
CA VAL C 5 37.03 19.45 -5.65
C VAL C 5 35.50 19.47 -5.72
N PHE C 6 34.95 19.33 -6.92
CA PHE C 6 33.51 19.34 -7.12
C PHE C 6 32.93 17.98 -7.49
N VAL C 7 31.80 17.67 -6.88
CA VAL C 7 31.14 16.39 -7.04
C VAL C 7 29.68 16.60 -7.36
N GLU C 8 29.23 16.03 -8.47
CA GLU C 8 27.86 16.20 -8.91
C GLU C 8 27.05 14.96 -8.58
N SER C 9 25.87 15.17 -8.00
CA SER C 9 24.91 14.09 -7.86
C SER C 9 24.37 13.74 -9.24
N THR C 10 23.80 12.55 -9.39
CA THR C 10 23.15 12.17 -10.64
C THR C 10 22.13 13.25 -11.05
N ILE C 11 21.37 13.72 -10.08
CA ILE C 11 20.38 14.73 -10.37
C ILE C 11 21.00 16.02 -10.92
N PHE C 12 22.04 16.50 -10.25
CA PHE C 12 22.73 17.69 -10.71
C PHE C 12 23.30 17.46 -12.10
N GLU C 13 23.90 16.32 -12.31
CA GLU C 13 24.45 15.99 -13.58
C GLU C 13 23.42 16.02 -14.65
N LYS C 14 22.28 15.41 -14.40
CA LYS C 14 21.21 15.41 -15.39
C LYS C 14 20.77 16.81 -15.83
N TYR C 15 20.68 17.74 -14.88
CA TYR C 15 20.09 19.05 -15.18
C TYR C 15 21.04 20.20 -15.45
N ARG C 16 22.35 20.01 -15.27
CA ARG C 16 23.29 21.15 -15.25
C ARG C 16 23.31 21.91 -16.56
N ASP C 17 23.49 21.20 -17.66
CA ASP C 17 23.55 21.82 -18.98
C ASP C 17 22.28 22.58 -19.36
N GLU C 18 21.14 22.21 -18.81
CA GLU C 18 19.93 22.96 -19.08
C GLU C 18 19.98 24.37 -18.49
N TYR C 19 20.56 24.50 -17.29
CA TYR C 19 20.57 25.77 -16.59
C TYR C 19 21.85 26.59 -16.67
N LEU C 20 22.94 25.95 -17.07
CA LEU C 20 24.24 26.63 -17.10
C LEU C 20 25.10 26.17 -18.26
N SER C 21 25.67 27.11 -18.99
CA SER C 21 26.72 26.80 -19.94
C SER C 21 27.98 26.41 -19.18
N ASP C 22 28.88 25.71 -19.85
CA ASP C 22 30.16 25.34 -19.25
C ASP C 22 30.85 26.59 -18.69
N GLU C 23 30.85 27.65 -19.48
CA GLU C 23 31.44 28.91 -19.07
C GLU C 23 30.80 29.41 -17.77
N GLU C 24 29.48 29.30 -17.69
CA GLU C 24 28.73 29.75 -16.52
C GLU C 24 28.99 28.85 -15.32
N TYR C 25 29.11 27.57 -15.59
CA TYR C 25 29.41 26.57 -14.56
C TYR C 25 30.78 26.87 -13.96
N ARG C 26 31.73 27.21 -14.83
CA ARG C 26 33.10 27.55 -14.41
C ARG C 26 33.10 28.75 -13.45
N LEU C 27 32.30 29.77 -13.75
CA LEU C 27 32.25 30.94 -12.88
C LEU C 27 31.59 30.62 -11.58
N PHE C 28 30.51 29.84 -11.63
CA PHE C 28 29.81 29.43 -10.41
C PHE C 28 30.76 28.71 -9.47
N GLN C 29 31.55 27.79 -10.03
CA GLN C 29 32.55 27.06 -9.27
C GLN C 29 33.58 27.98 -8.63
N ALA C 30 34.03 28.99 -9.37
CA ALA C 30 35.02 29.95 -8.88
C ALA C 30 34.44 30.71 -7.69
N GLU C 31 33.15 31.01 -7.76
CA GLU C 31 32.47 31.73 -6.69
C GLU C 31 32.41 30.89 -5.42
N LEU C 32 32.11 29.61 -5.59
CA LEU C 32 32.08 28.69 -4.46
C LEU C 32 33.45 28.55 -3.84
N MET C 33 34.48 28.43 -4.69
CA MET C 33 35.86 28.28 -4.25
C MET C 33 36.28 29.43 -3.34
N LEU C 34 35.91 30.65 -3.74
CA LEU C 34 36.27 31.84 -3.00
C LEU C 34 35.40 32.02 -1.76
N ASN C 35 34.18 31.52 -1.81
CA ASN C 35 33.24 31.66 -0.69
C ASN C 35 32.37 30.44 -0.50
N PRO C 36 32.85 29.44 0.26
CA PRO C 36 32.07 28.20 0.41
C PRO C 36 30.75 28.42 1.16
N LYS C 37 30.64 29.55 1.85
CA LYS C 37 29.41 29.91 2.55
C LYS C 37 28.48 30.81 1.72
N LEU C 38 28.77 30.92 0.43
CA LEU C 38 28.02 31.77 -0.51
C LEU C 38 26.49 31.62 -0.44
N GLY C 39 26.01 30.38 -0.33
CA GLY C 39 24.58 30.12 -0.31
C GLY C 39 23.99 30.26 1.07
N ASP C 40 22.67 30.29 1.16
CA ASP C 40 21.99 30.32 2.45
C ASP C 40 21.82 28.92 3.02
N VAL C 41 21.99 28.79 4.33
CA VAL C 41 21.87 27.49 4.98
C VAL C 41 20.42 27.06 5.08
N ILE C 42 20.13 25.87 4.59
CA ILE C 42 18.79 25.29 4.75
C ILE C 42 18.69 24.59 6.10
N GLN C 43 17.80 25.06 6.95
CA GLN C 43 17.76 24.59 8.32
C GLN C 43 17.31 23.18 8.39
N GLY C 44 17.95 22.41 9.23
CA GLY C 44 17.58 21.03 9.40
C GLY C 44 18.14 20.06 8.39
N THR C 45 19.10 20.48 7.58
CA THR C 45 19.66 19.61 6.56
C THR C 45 21.11 19.19 6.85
N GLY C 46 21.64 19.63 7.99
CA GLY C 46 23.04 19.37 8.30
C GLY C 46 24.01 20.23 7.52
N GLY C 47 23.57 21.42 7.12
CA GLY C 47 24.46 22.37 6.46
C GLY C 47 24.37 22.53 4.95
N LEU C 48 23.31 22.02 4.32
CA LEU C 48 23.09 22.26 2.90
C LEU C 48 22.80 23.74 2.63
N ARG C 49 23.44 24.29 1.60
CA ARG C 49 23.26 25.70 1.26
C ARG C 49 22.63 25.88 -0.13
N LYS C 50 21.89 26.97 -0.29
CA LYS C 50 21.16 27.27 -1.52
C LYS C 50 21.55 28.63 -2.07
N ILE C 51 21.94 28.68 -3.35
CA ILE C 51 22.36 29.94 -3.96
C ILE C 51 21.61 30.17 -5.26
N ARG C 52 21.05 31.33 -5.44
CA ARG C 52 20.40 31.61 -6.67
C ARG C 52 21.31 32.31 -7.59
N VAL C 53 21.34 31.85 -8.81
CA VAL C 53 22.22 32.39 -9.84
C VAL C 53 21.43 32.97 -11.00
N ALA C 54 21.71 34.22 -11.35
CA ALA C 54 21.00 34.83 -12.45
C ALA C 54 21.69 34.38 -13.72
N SER C 55 20.97 33.60 -14.54
CA SER C 55 21.51 33.09 -15.80
C SER C 55 20.46 33.07 -16.91
N LYS C 56 20.93 32.91 -18.15
CA LYS C 56 20.10 33.11 -19.33
C LYS C 56 19.64 31.79 -19.97
N LYS C 60 14.52 28.53 -21.10
CA LYS C 60 14.66 28.60 -19.64
C LYS C 60 14.81 30.05 -19.19
N ARG C 61 13.67 30.70 -18.95
CA ARG C 61 13.63 32.15 -18.73
C ARG C 61 14.06 32.60 -17.32
N GLY C 62 13.82 31.76 -16.33
CA GLY C 62 14.16 32.07 -14.95
C GLY C 62 15.62 31.96 -14.55
N GLY C 63 15.89 32.32 -13.30
CA GLY C 63 17.21 32.18 -12.70
C GLY C 63 17.35 30.79 -12.07
N SER C 64 18.58 30.33 -11.92
CA SER C 64 18.80 28.98 -11.39
C SER C 64 19.07 29.01 -9.89
N ARG C 65 18.56 28.00 -9.19
CA ARG C 65 18.90 27.79 -7.80
C ARG C 65 19.82 26.57 -7.69
N ILE C 66 20.93 26.71 -6.98
CA ILE C 66 21.76 25.55 -6.78
C ILE C 66 21.84 25.23 -5.29
N ILE C 67 21.73 23.94 -4.97
CA ILE C 67 21.82 23.46 -3.61
C ILE C 67 23.06 22.60 -3.44
N TYR C 68 23.88 22.92 -2.44
CA TYR C 68 25.16 22.23 -2.26
C TYR C 68 25.54 22.03 -0.80
N TYR C 69 26.51 21.14 -0.58
CA TYR C 69 27.09 20.99 0.74
C TYR C 69 28.61 21.11 0.66
N PHE C 70 29.17 21.91 1.54
CA PHE C 70 30.61 22.03 1.63
C PHE C 70 31.04 21.13 2.76
N LEU C 71 31.87 20.56 2.78
CA LEU C 71 32.54 19.57 3.61
C LEU C 71 33.91 20.15 3.97
N ASP C 72 33.88 20.46 5.06
CA ASP C 72 35.03 21.24 5.49
C ASP C 72 36.29 20.39 5.62
N GLU C 73 36.13 19.16 6.08
CA GLU C 73 37.24 18.26 6.29
C GLU C 73 38.11 18.12 5.05
N LYS C 74 37.49 17.81 3.93
CA LYS C 74 38.22 17.62 2.68
C LYS C 74 38.17 18.85 1.78
N ARG C 75 37.52 19.91 2.26
CA ARG C 75 37.31 21.12 1.47
C ARG C 75 36.70 20.76 0.11
N ARG C 76 35.53 20.14 0.13
CA ARG C 76 34.93 19.59 -1.09
C ARG C 76 33.46 19.96 -1.24
N PHE C 77 33.05 20.28 -2.46
CA PHE C 77 31.68 20.69 -2.71
C PHE C 77 30.89 19.57 -3.35
N TYR C 78 29.71 19.33 -2.78
CA TYR C 78 28.78 18.36 -3.32
C TYR C 78 27.62 19.12 -3.92
N LEU C 79 27.48 19.04 -5.24
CA LEU C 79 26.42 19.79 -5.93
C LEU C 79 25.21 18.87 -6.02
N LEU C 80 24.18 19.22 -5.26
CA LEU C 80 23.01 18.37 -5.10
C LEU C 80 22.10 18.42 -6.31
N THR C 81 21.58 19.60 -6.57
CA THR C 81 20.59 19.74 -7.60
C THR C 81 20.59 21.17 -8.08
N ILE C 82 19.94 21.39 -9.21
CA ILE C 82 19.80 22.72 -9.77
C ILE C 82 18.41 22.85 -10.40
N TYR C 83 17.78 24.00 -10.22
CA TYR C 83 16.41 24.15 -10.67
C TYR C 83 16.03 25.63 -10.84
N GLY C 84 14.93 25.87 -11.54
CA GLY C 84 14.40 27.22 -11.68
C GLY C 84 13.33 27.48 -10.63
N LYS C 85 12.74 28.68 -10.65
CA LYS C 85 11.73 29.06 -9.69
C LYS C 85 10.55 28.07 -9.69
N ASN C 86 10.13 27.67 -8.50
CA ASN C 86 8.94 26.83 -8.29
C ASN C 86 9.00 25.40 -8.84
N GLU C 87 10.20 24.86 -9.00
CA GLU C 87 10.35 23.46 -9.40
C GLU C 87 10.62 22.54 -8.20
N MET C 88 10.86 23.17 -7.05
CA MET C 88 11.16 22.46 -5.80
C MET C 88 10.15 22.83 -4.71
N SER C 89 10.04 22.00 -3.68
CA SER C 89 9.02 22.20 -2.66
C SER C 89 9.58 22.30 -1.24
N ASP C 90 8.69 22.62 -0.30
CA ASP C 90 9.00 22.69 1.11
C ASP C 90 9.38 21.31 1.65
N LEU C 91 10.34 21.29 2.54
CA LEU C 91 10.83 20.05 3.11
C LEU C 91 10.21 19.71 4.44
N ASN C 92 9.70 18.51 4.58
CA ASN C 92 9.16 18.07 5.83
C ASN C 92 10.19 17.29 6.55
N ALA C 93 9.83 16.71 7.66
CA ALA C 93 10.80 16.03 8.49
C ALA C 93 11.19 14.71 7.91
N ASN C 94 10.21 13.98 7.45
CA ASN C 94 10.48 12.72 6.76
C ASN C 94 11.42 12.93 5.57
N GLN C 95 11.29 14.06 4.90
CA GLN C 95 12.10 14.33 3.72
C GLN C 95 13.53 14.74 4.10
N ARG C 96 13.66 15.45 5.20
CA ARG C 96 14.96 15.87 5.65
C ARG C 96 15.76 14.71 6.13
N LYS C 97 15.08 13.77 6.76
CA LYS C 97 15.75 12.58 7.25
C LYS C 97 16.38 11.86 6.06
N GLN C 98 15.58 11.64 5.03
CA GLN C 98 16.05 10.96 3.83
C GLN C 98 17.18 11.71 3.15
N LEU C 99 17.02 13.04 3.06
CA LEU C 99 17.99 13.90 2.41
C LEU C 99 19.34 13.84 3.15
N MET C 100 19.29 13.78 4.48
CA MET C 100 20.52 13.69 5.25
C MET C 100 21.13 12.30 5.13
N ALA C 101 20.27 11.28 5.03
CA ALA C 101 20.77 9.92 4.85
C ALA C 101 21.43 9.82 3.49
N PHE C 102 20.83 10.47 2.51
CA PHE C 102 21.38 10.51 1.16
C PHE C 102 22.77 11.14 1.17
N MET C 103 22.86 12.33 1.77
CA MET C 103 24.15 13.02 1.90
C MET C 103 25.17 12.15 2.60
N GLU C 104 24.76 11.52 3.69
CA GLU C 104 25.65 10.63 4.42
C GLU C 104 26.13 9.47 3.55
N ALA C 105 25.19 8.81 2.89
CA ALA C 105 25.51 7.69 2.01
C ALA C 105 26.46 8.12 0.90
N TRP C 106 26.15 9.28 0.33
CA TRP C 106 26.91 9.82 -0.78
C TRP C 106 28.34 10.18 -0.35
N ARG C 107 28.46 10.89 0.76
CA ARG C 107 29.76 11.25 1.32
C ARG C 107 30.61 10.01 1.54
N ASN C 108 29.98 8.91 1.95
CA ASN C 108 30.69 7.68 2.26
C ASN C 108 30.94 6.78 1.07
N GLU C 109 30.30 7.07 -0.07
CA GLU C 109 30.51 6.23 -1.23
C GLU C 109 31.88 6.48 -1.84
N GLN C 110 32.27 7.74 -1.96
CA GLN C 110 33.66 8.02 -2.29
C GLN C 110 34.36 8.47 -1.03
N SER C 111 35.18 7.61 -0.44
CA SER C 111 35.77 7.89 0.86
C SER C 111 36.68 6.76 1.33
N GLN D 1 25.74 9.80 -19.38
CA GLN D 1 24.38 10.12 -19.69
C GLN D 1 23.45 9.36 -18.77
N VAL D 2 22.65 10.09 -18.04
CA VAL D 2 21.78 9.48 -17.08
C VAL D 2 20.34 9.41 -17.49
N GLN D 3 19.76 8.26 -17.26
CA GLN D 3 18.40 8.01 -17.69
C GLN D 3 17.70 7.02 -16.80
N LEU D 4 16.38 7.04 -16.84
CA LEU D 4 15.55 5.98 -16.30
C LEU D 4 14.84 5.37 -17.50
N GLN D 5 14.79 4.04 -17.55
CA GLN D 5 14.19 3.35 -18.69
C GLN D 5 12.91 2.62 -18.25
N GLU D 6 11.78 3.10 -18.75
CA GLU D 6 10.47 2.58 -18.39
C GLU D 6 10.02 1.45 -19.32
N SER D 7 9.42 0.40 -18.78
CA SER D 7 8.97 -0.70 -19.61
C SER D 7 7.79 -1.46 -19.01
N GLY D 8 7.17 -2.30 -19.83
CA GLY D 8 6.11 -3.17 -19.36
C GLY D 8 4.73 -2.65 -19.70
N GLY D 9 4.65 -1.54 -20.43
CA GLY D 9 3.35 -0.99 -20.79
C GLY D 9 2.71 -1.84 -21.86
N GLY D 10 1.56 -1.40 -22.37
CA GLY D 10 0.86 -2.18 -23.38
C GLY D 10 -0.65 -2.11 -23.32
N LEU D 11 -1.29 -2.96 -24.11
CA LEU D 11 -2.75 -3.03 -24.14
C LEU D 11 -3.24 -4.04 -23.12
N VAL D 12 -4.28 -3.68 -22.38
CA VAL D 12 -4.82 -4.55 -21.35
C VAL D 12 -6.33 -4.33 -21.25
N GLN D 13 -7.06 -5.36 -20.86
CA GLN D 13 -8.51 -5.25 -20.66
C GLN D 13 -8.84 -4.61 -19.33
N PRO D 14 -10.02 -3.99 -19.24
CA PRO D 14 -10.53 -3.50 -17.96
C PRO D 14 -10.55 -4.63 -16.92
N GLY D 15 -10.10 -4.34 -15.71
CA GLY D 15 -10.02 -5.34 -14.66
C GLY D 15 -8.67 -6.02 -14.65
N GLY D 16 -7.90 -5.85 -15.71
CA GLY D 16 -6.62 -6.53 -15.86
C GLY D 16 -5.54 -6.02 -14.92
N SER D 17 -4.33 -6.58 -15.07
CA SER D 17 -3.21 -6.21 -14.23
C SER D 17 -1.96 -5.91 -15.05
N LEU D 18 -1.03 -5.16 -14.46
CA LEU D 18 0.25 -4.87 -15.08
C LEU D 18 1.38 -4.69 -14.08
N ARG D 19 2.60 -4.94 -14.57
CA ARG D 19 3.80 -4.57 -13.84
C ARG D 19 4.69 -3.76 -14.76
N LEU D 20 5.07 -2.57 -14.32
CA LEU D 20 5.94 -1.68 -15.09
C LEU D 20 7.32 -1.70 -14.45
N SER D 21 8.33 -1.39 -15.25
CA SER D 21 9.71 -1.36 -14.76
C SER D 21 10.35 -0.01 -15.01
N CYS D 22 11.14 0.42 -14.03
CA CYS D 22 11.94 1.63 -14.11
C CYS D 22 13.39 1.23 -13.84
N ALA D 23 14.26 1.35 -14.83
CA ALA D 23 15.65 0.93 -14.66
C ALA D 23 16.63 2.09 -14.84
N ALA D 24 17.52 2.27 -13.87
CA ALA D 24 18.53 3.33 -13.97
C ALA D 24 19.58 3.01 -15.03
N SER D 25 19.94 4.02 -15.81
CA SER D 25 21.02 3.90 -16.78
C SER D 25 22.05 5.01 -16.58
N GLY D 26 23.32 4.62 -16.48
CA GLY D 26 24.38 5.60 -16.32
C GLY D 26 24.56 6.04 -14.89
N PHE D 27 23.78 5.44 -13.99
CA PHE D 27 23.93 5.68 -12.57
C PHE D 27 23.32 4.56 -11.78
N THR D 28 23.59 4.56 -10.47
CA THR D 28 23.03 3.58 -9.56
C THR D 28 21.92 4.24 -8.75
N LEU D 29 20.75 3.63 -8.70
CA LEU D 29 19.60 4.29 -8.08
C LEU D 29 19.42 3.92 -6.61
N ASP D 30 20.36 3.15 -6.06
CA ASP D 30 20.26 2.66 -4.68
C ASP D 30 19.85 3.71 -3.66
N TYR D 31 20.50 4.88 -3.68
CA TYR D 31 20.30 5.90 -2.65
C TYR D 31 19.13 6.86 -2.96
N TYR D 32 18.60 6.78 -4.17
CA TYR D 32 17.56 7.72 -4.59
C TYR D 32 16.14 7.20 -4.39
N ALA D 33 15.24 8.12 -4.06
CA ALA D 33 13.82 7.83 -4.11
C ALA D 33 13.41 7.76 -5.57
N ILE D 34 12.42 6.94 -5.87
CA ILE D 34 11.97 6.78 -7.24
C ILE D 34 10.46 6.99 -7.21
N GLY D 35 9.91 7.60 -8.24
CA GLY D 35 8.48 7.87 -8.27
C GLY D 35 7.89 7.74 -9.66
N TRP D 36 6.57 7.56 -9.73
CA TRP D 36 5.88 7.42 -11.00
C TRP D 36 4.89 8.53 -11.18
N PHE D 37 4.86 9.12 -12.36
CA PHE D 37 3.74 9.96 -12.75
C PHE D 37 3.29 9.49 -14.13
N ARG D 38 2.13 9.94 -14.59
CA ARG D 38 1.66 9.54 -15.90
C ARG D 38 1.11 10.76 -16.61
N GLN D 39 1.06 10.68 -17.93
CA GLN D 39 0.53 11.79 -18.71
C GLN D 39 -0.28 11.27 -19.89
N ALA D 40 -1.47 11.84 -20.07
CA ALA D 40 -2.24 11.58 -21.26
C ALA D 40 -1.95 12.73 -22.21
N PRO D 41 -2.11 12.49 -23.52
CA PRO D 41 -1.82 13.56 -24.48
C PRO D 41 -2.67 14.80 -24.25
N GLY D 42 -2.05 15.96 -24.20
CA GLY D 42 -2.80 17.19 -24.03
C GLY D 42 -3.22 17.45 -22.60
N LYS D 43 -2.70 16.68 -21.66
CA LYS D 43 -3.08 16.84 -20.26
C LYS D 43 -1.85 16.98 -19.37
N GLU D 44 -2.05 17.50 -18.16
CA GLU D 44 -0.96 17.72 -17.23
C GLU D 44 -0.44 16.41 -16.66
N ARG D 45 0.82 16.45 -16.22
CA ARG D 45 1.45 15.35 -15.52
C ARG D 45 0.67 15.01 -14.25
N GLU D 46 0.47 13.72 -13.99
CA GLU D 46 -0.23 13.31 -12.79
C GLU D 46 0.60 12.33 -11.95
N GLY D 47 0.81 12.67 -10.68
CA GLY D 47 1.58 11.82 -9.79
C GLY D 47 0.89 10.51 -9.53
N VAL D 48 1.64 9.41 -9.58
CA VAL D 48 1.10 8.09 -9.30
C VAL D 48 1.61 7.52 -7.97
N SER D 49 2.91 7.30 -7.89
CA SER D 49 3.51 6.67 -6.74
C SER D 49 4.97 7.08 -6.58
N CYS D 50 5.51 6.85 -5.39
CA CYS D 50 6.92 7.09 -5.12
C CYS D 50 7.36 6.15 -4.02
N ILE D 51 8.63 5.77 -4.04
CA ILE D 51 9.19 4.87 -3.03
C ILE D 51 10.56 5.35 -2.55
N SER D 52 10.76 5.27 -1.24
CA SER D 52 12.02 5.73 -0.65
C SER D 52 13.17 4.78 -0.98
N SER D 53 14.39 5.26 -0.81
CA SER D 53 15.58 4.45 -1.04
C SER D 53 15.52 3.15 -0.23
N SER D 54 15.06 3.24 1.01
CA SER D 54 15.00 2.08 1.89
C SER D 54 13.73 1.23 1.71
N GLY D 55 12.76 1.75 0.96
CA GLY D 55 11.50 1.06 0.78
C GLY D 55 10.57 1.25 1.97
N GLY D 56 11.10 1.87 3.02
CA GLY D 56 10.34 2.08 4.24
C GLY D 56 9.24 3.11 4.12
N THR D 57 9.30 3.91 3.07
CA THR D 57 8.26 4.90 2.80
C THR D 57 7.75 4.79 1.37
N THR D 58 6.44 4.61 1.24
CA THR D 58 5.78 4.61 -0.06
C THR D 58 4.65 5.63 -0.06
N ASN D 59 4.35 6.16 -1.24
CA ASN D 59 3.20 7.05 -1.41
C ASN D 59 2.42 6.68 -2.65
N TYR D 60 1.12 6.98 -2.63
CA TYR D 60 0.24 6.70 -3.75
C TYR D 60 -0.76 7.82 -3.98
N ALA D 61 -1.06 8.10 -5.24
CA ALA D 61 -2.13 9.03 -5.54
C ALA D 61 -3.43 8.40 -5.05
N ASP D 62 -4.36 9.23 -4.59
CA ASP D 62 -5.61 8.72 -4.04
C ASP D 62 -6.36 7.80 -5.00
N SER D 63 -6.40 8.17 -6.28
CA SER D 63 -7.20 7.40 -7.22
C SER D 63 -6.58 6.05 -7.58
N VAL D 64 -5.29 5.87 -7.30
CA VAL D 64 -4.67 4.56 -7.45
C VAL D 64 -4.46 3.82 -6.12
N LYS D 65 -4.81 4.42 -4.98
CA LYS D 65 -4.53 3.74 -3.71
C LYS D 65 -5.23 2.39 -3.62
N GLY D 66 -4.45 1.37 -3.31
CA GLY D 66 -4.98 0.04 -3.09
C GLY D 66 -4.97 -0.82 -4.33
N ARG D 67 -5.03 -0.17 -5.49
CA ARG D 67 -4.93 -0.84 -6.79
C ARG D 67 -3.47 -1.03 -7.23
N PHE D 68 -2.63 -0.05 -6.92
CA PHE D 68 -1.22 -0.07 -7.32
C PHE D 68 -0.32 -0.43 -6.16
N THR D 69 0.81 -1.07 -6.48
CA THR D 69 1.84 -1.34 -5.50
C THR D 69 3.21 -1.03 -6.08
N VAL D 70 3.98 -0.18 -5.39
CA VAL D 70 5.34 0.14 -5.83
C VAL D 70 6.35 -0.64 -4.98
N SER D 71 7.34 -1.21 -5.65
CA SER D 71 8.40 -1.92 -4.96
C SER D 71 9.71 -1.62 -5.66
N ARG D 72 10.83 -1.97 -5.03
CA ARG D 72 12.13 -1.75 -5.66
C ARG D 72 13.10 -2.89 -5.36
N ASP D 73 14.06 -3.08 -6.27
CA ASP D 73 15.18 -3.97 -6.00
C ASP D 73 16.46 -3.23 -6.32
N ASN D 74 17.20 -2.85 -5.28
CA ASN D 74 18.37 -2.00 -5.49
C ASN D 74 19.51 -2.77 -6.10
N ALA D 75 19.55 -4.06 -5.81
CA ALA D 75 20.55 -4.94 -6.37
C ALA D 75 20.36 -5.08 -7.88
N LYS D 76 19.11 -4.93 -8.32
CA LYS D 76 18.78 -5.05 -9.74
C LYS D 76 18.68 -3.69 -10.43
N ASN D 77 18.92 -2.63 -9.68
CA ASN D 77 18.87 -1.27 -10.22
C ASN D 77 17.53 -1.02 -10.91
N THR D 78 16.47 -1.60 -10.33
CA THR D 78 15.13 -1.51 -10.92
C THR D 78 14.01 -1.26 -9.93
N VAL D 79 13.07 -0.41 -10.33
CA VAL D 79 11.86 -0.13 -9.54
C VAL D 79 10.61 -0.60 -10.28
N TYR D 80 9.62 -1.09 -9.54
CA TYR D 80 8.40 -1.65 -10.17
C TYR D 80 7.12 -0.93 -9.75
N LEU D 81 6.14 -0.93 -10.65
CA LEU D 81 4.79 -0.48 -10.29
C LEU D 81 3.79 -1.57 -10.66
N GLN D 82 3.21 -2.22 -9.64
CA GLN D 82 2.21 -3.24 -9.88
C GLN D 82 0.85 -2.59 -10.03
N MET D 83 0.27 -2.73 -11.21
CA MET D 83 -1.02 -2.11 -11.48
C MET D 83 -2.12 -3.15 -11.58
N ASN D 84 -3.02 -3.14 -10.59
CA ASN D 84 -4.14 -4.08 -10.53
C ASN D 84 -5.45 -3.35 -10.68
N SER D 85 -6.49 -4.08 -11.09
CA SER D 85 -7.81 -3.50 -11.19
C SER D 85 -7.77 -2.28 -12.12
N LEU D 86 -7.27 -2.50 -13.33
CA LEU D 86 -7.05 -1.39 -14.24
C LEU D 86 -8.37 -0.81 -14.74
N LYS D 87 -8.45 0.50 -14.73
CA LYS D 87 -9.63 1.23 -15.16
C LYS D 87 -9.26 2.10 -16.35
N PRO D 88 -10.27 2.57 -17.09
CA PRO D 88 -10.02 3.47 -18.23
C PRO D 88 -9.24 4.73 -17.85
N GLU D 89 -9.29 5.17 -16.59
CA GLU D 89 -8.57 6.39 -16.22
C GLU D 89 -7.06 6.16 -16.22
N ASP D 90 -6.63 4.90 -16.32
CA ASP D 90 -5.22 4.59 -16.21
C ASP D 90 -4.49 4.61 -17.53
N THR D 91 -5.23 4.81 -18.61
CA THR D 91 -4.61 4.89 -19.92
C THR D 91 -3.84 6.21 -19.99
N ALA D 92 -2.54 6.08 -20.21
CA ALA D 92 -1.61 7.22 -20.20
C ALA D 92 -0.19 6.70 -20.42
N VAL D 93 0.75 7.60 -20.68
CA VAL D 93 2.15 7.22 -20.71
C VAL D 93 2.72 7.37 -19.30
N TYR D 94 3.36 6.31 -18.81
CA TYR D 94 3.89 6.27 -17.45
C TYR D 94 5.39 6.54 -17.41
N TYR D 95 5.80 7.39 -16.48
CA TYR D 95 7.16 7.85 -16.40
C TYR D 95 7.74 7.63 -15.03
N CYS D 96 9.04 7.40 -15.00
CA CYS D 96 9.81 7.21 -13.77
C CYS D 96 10.62 8.47 -13.47
N VAL D 97 10.85 8.70 -12.19
CA VAL D 97 11.56 9.89 -11.76
C VAL D 97 12.50 9.54 -10.61
N ALA D 98 13.65 10.20 -10.55
CA ALA D 98 14.58 10.01 -9.43
C ALA D 98 14.62 11.26 -8.57
N ASP D 99 14.63 11.09 -7.25
CA ASP D 99 14.64 12.21 -6.33
C ASP D 99 15.29 11.85 -5.00
N PHE D 100 15.41 12.84 -4.12
CA PHE D 100 16.11 12.63 -2.86
C PHE D 100 15.22 12.02 -1.78
N ALA D 101 13.91 12.14 -1.95
CA ALA D 101 12.99 11.65 -0.94
C ALA D 101 11.61 11.33 -1.48
N CYS D 102 10.93 10.46 -0.74
CA CYS D 102 9.52 10.15 -0.92
C CYS D 102 8.83 10.53 0.37
N PRO D 103 7.89 11.48 0.30
CA PRO D 103 7.32 12.06 -0.92
C PRO D 103 8.32 12.91 -1.69
N LEU D 104 8.08 13.00 -3.00
CA LEU D 104 8.95 13.71 -3.93
C LEU D 104 9.06 15.20 -3.63
N ILE D 105 10.28 15.71 -3.79
CA ILE D 105 10.58 17.13 -3.64
C ILE D 105 10.39 17.93 -4.92
N ARG D 106 10.92 17.40 -6.03
CA ARG D 106 10.93 18.11 -7.30
C ARG D 106 9.66 17.91 -8.09
N GLU D 107 9.29 18.94 -8.85
CA GLU D 107 8.17 18.83 -9.77
C GLU D 107 8.49 17.70 -10.74
N TYR D 108 7.45 17.00 -11.20
CA TYR D 108 7.60 15.87 -12.12
C TYR D 108 8.31 16.30 -13.37
N ASP D 109 9.24 15.50 -13.84
CA ASP D 109 9.99 15.81 -15.05
C ASP D 109 10.47 14.52 -15.71
N TYR D 110 10.69 14.56 -17.02
CA TYR D 110 10.97 13.34 -17.76
C TYR D 110 12.42 12.87 -17.61
N TRP D 111 12.57 11.64 -17.16
CA TRP D 111 13.87 10.96 -17.10
C TRP D 111 14.04 9.96 -18.23
N GLY D 112 13.00 9.80 -19.04
CA GLY D 112 12.96 8.74 -20.03
C GLY D 112 11.89 8.93 -21.09
N GLN D 113 11.70 7.89 -21.88
CA GLN D 113 10.78 7.96 -22.99
C GLN D 113 9.36 7.58 -22.54
N GLY D 114 9.24 6.97 -21.37
CA GLY D 114 7.93 6.58 -20.86
C GLY D 114 7.37 5.33 -21.53
N THR D 115 6.36 4.74 -20.92
CA THR D 115 5.76 3.53 -21.46
C THR D 115 4.23 3.68 -21.56
N GLN D 116 3.65 3.24 -22.67
CA GLN D 116 2.22 3.39 -22.88
C GLN D 116 1.43 2.32 -22.14
N VAL D 117 0.38 2.74 -21.44
CA VAL D 117 -0.58 1.79 -20.89
C VAL D 117 -1.92 2.16 -21.48
N THR D 118 -2.51 1.24 -22.21
CA THR D 118 -3.80 1.48 -22.83
C THR D 118 -4.78 0.43 -22.36
N VAL D 119 -5.86 0.87 -21.73
CA VAL D 119 -6.88 -0.05 -21.29
C VAL D 119 -7.96 -0.05 -22.35
N SER D 120 -8.09 -1.18 -23.05
CA SER D 120 -9.01 -1.28 -24.18
C SER D 120 -10.42 -0.90 -23.77
N SER D 121 -11.09 -0.13 -24.61
CA SER D 121 -12.45 0.30 -24.31
C SER D 121 -13.48 -0.54 -25.04
N HIS D 122 -14.38 -1.14 -24.28
CA HIS D 122 -15.49 -1.86 -24.86
C HIS D 122 -16.77 -1.56 -24.10
N HIS D 123 -17.71 -0.94 -24.79
CA HIS D 123 -19.01 -0.64 -24.22
C HIS D 123 -20.05 -1.43 -24.99
N HIS D 124 -20.89 -2.19 -24.29
CA HIS D 124 -21.82 -3.09 -24.96
C HIS D 124 -23.16 -2.41 -25.27
N HIS D 125 -23.61 -2.59 -26.51
CA HIS D 125 -24.86 -1.99 -26.97
C HIS D 125 -26.00 -2.98 -26.77
N HIS D 126 -26.88 -2.65 -25.82
CA HIS D 126 -28.09 -3.44 -25.58
C HIS D 126 -29.25 -3.03 -26.47
N HIS D 127 -29.16 -1.84 -27.05
CA HIS D 127 -30.19 -1.39 -27.95
C HIS D 127 -29.55 -0.59 -29.06
N HIS E 1 9.45 -5.13 29.03
CA HIS E 1 10.50 -5.95 29.63
C HIS E 1 10.29 -6.09 31.14
N MET E 2 9.44 -5.22 31.68
CA MET E 2 9.11 -5.24 33.11
C MET E 2 7.70 -5.78 33.24
N LYS E 3 7.50 -6.73 34.15
CA LYS E 3 6.19 -7.37 34.31
C LYS E 3 5.07 -6.39 34.66
N SER E 4 3.89 -6.63 34.09
CA SER E 4 2.73 -5.80 34.37
C SER E 4 2.21 -6.04 35.78
N VAL E 5 1.80 -4.97 36.43
CA VAL E 5 1.23 -5.04 37.76
C VAL E 5 -0.30 -5.09 37.70
N PHE E 6 -0.84 -5.22 36.49
CA PHE E 6 -2.29 -5.21 36.32
C PHE E 6 -2.82 -6.59 35.93
N VAL E 7 -3.93 -6.97 36.56
CA VAL E 7 -4.51 -8.28 36.38
C VAL E 7 -6.00 -8.14 36.10
N GLU E 8 -6.45 -8.71 34.99
CA GLU E 8 -7.85 -8.56 34.61
C GLU E 8 -8.68 -9.78 34.93
N SER E 9 -9.84 -9.55 35.52
CA SER E 9 -10.82 -10.61 35.66
C SER E 9 -11.36 -10.95 34.28
N THR E 10 -11.94 -12.14 34.13
CA THR E 10 -12.60 -12.52 32.89
C THR E 10 -13.64 -11.46 32.46
N ILE E 11 -14.40 -10.97 33.43
CA ILE E 11 -15.43 -9.98 33.14
C ILE E 11 -14.83 -8.69 32.61
N PHE E 12 -13.77 -8.21 33.24
CA PHE E 12 -13.09 -7.00 32.80
C PHE E 12 -12.55 -7.18 31.40
N GLU E 13 -11.95 -8.34 31.16
CA GLU E 13 -11.37 -8.63 29.86
C GLU E 13 -12.45 -8.58 28.78
N LYS E 14 -13.61 -9.16 29.09
CA LYS E 14 -14.72 -9.18 28.15
C LYS E 14 -15.17 -7.78 27.75
N TYR E 15 -15.23 -6.86 28.71
CA TYR E 15 -15.84 -5.57 28.44
C TYR E 15 -14.90 -4.40 28.13
N ARG E 16 -13.60 -4.59 28.29
CA ARG E 16 -12.69 -3.44 28.30
C ARG E 16 -12.69 -2.68 26.97
N ASP E 17 -12.52 -3.40 25.86
CA ASP E 17 -12.46 -2.78 24.55
C ASP E 17 -13.74 -2.01 24.20
N GLU E 18 -14.88 -2.39 24.78
CA GLU E 18 -16.11 -1.65 24.55
C GLU E 18 -16.06 -0.26 25.20
N TYR E 19 -15.49 -0.18 26.41
CA TYR E 19 -15.50 1.08 27.16
C TYR E 19 -14.23 1.93 27.12
N LEU E 20 -13.11 1.35 26.70
CA LEU E 20 -11.84 2.08 26.66
C LEU E 20 -10.97 1.67 25.49
N SER E 21 -10.43 2.62 24.77
CA SER E 21 -9.38 2.33 23.82
C SER E 21 -8.08 1.99 24.49
N ASP E 22 -7.20 1.34 23.76
CA ASP E 22 -5.88 1.08 24.23
C ASP E 22 -5.23 2.31 24.84
N GLU E 23 -5.31 3.46 24.18
CA GLU E 23 -4.75 4.68 24.73
C GLU E 23 -5.37 5.04 26.04
N GLU E 24 -6.67 4.96 26.08
CA GLU E 24 -7.42 5.34 27.23
C GLU E 24 -7.13 4.45 28.39
N TYR E 25 -7.06 3.16 28.11
CA TYR E 25 -6.72 2.15 29.07
C TYR E 25 -5.32 2.35 29.61
N ARG E 26 -4.44 2.85 28.77
CA ARG E 26 -3.07 3.09 29.13
C ARG E 26 -2.95 4.26 30.06
N LEU E 27 -3.77 5.26 29.86
CA LEU E 27 -3.75 6.41 30.69
C LEU E 27 -4.39 6.09 31.99
N PHE E 28 -5.42 5.28 31.95
CA PHE E 28 -6.10 4.84 33.15
C PHE E 28 -5.13 4.11 34.07
N GLN E 29 -4.34 3.21 33.50
CA GLN E 29 -3.32 2.48 34.24
C GLN E 29 -2.31 3.44 34.87
N ALA E 30 -1.93 4.46 34.11
CA ALA E 30 -0.95 5.44 34.55
C ALA E 30 -1.49 6.17 35.78
N GLU E 31 -2.79 6.44 35.79
CA GLU E 31 -3.39 7.14 36.92
C GLU E 31 -3.36 6.27 38.16
N LEU E 32 -3.70 4.99 38.01
CA LEU E 32 -3.69 4.06 39.12
C LEU E 32 -2.29 3.89 39.68
N MET E 33 -1.30 3.74 38.83
CA MET E 33 0.06 3.59 39.26
C MET E 33 0.50 4.72 40.12
N LEU E 34 0.11 5.92 39.74
CA LEU E 34 0.47 7.12 40.48
C LEU E 34 -0.36 7.31 41.75
N ASN E 35 -1.59 6.82 41.73
CA ASN E 35 -2.50 6.97 42.87
C ASN E 35 -3.41 5.75 43.09
N PRO E 36 -2.91 4.73 43.80
CA PRO E 36 -3.65 3.47 44.00
C PRO E 36 -4.91 3.63 44.83
N LYS E 37 -5.05 4.75 45.52
CA LYS E 37 -6.25 5.06 46.29
C LYS E 37 -7.25 5.91 45.49
N LEU E 38 -7.11 5.92 44.18
CA LEU E 38 -7.92 6.77 43.32
C LEU E 38 -9.40 6.52 43.41
N GLY E 39 -9.80 5.28 43.51
CA GLY E 39 -11.22 4.98 43.57
C GLY E 39 -11.79 5.16 44.95
N ASP E 40 -13.12 5.19 45.03
CA ASP E 40 -13.79 5.27 46.32
C ASP E 40 -13.95 3.86 46.86
N VAL E 41 -13.79 3.71 48.18
CA VAL E 41 -13.87 2.40 48.80
C VAL E 41 -15.32 1.90 48.83
N ILE E 42 -15.55 0.71 48.29
CA ILE E 42 -16.87 0.11 48.42
C ILE E 42 -16.93 -0.57 49.78
N GLN E 43 -17.85 -0.12 50.62
CA GLN E 43 -17.92 -0.58 52.00
C GLN E 43 -18.21 -2.08 52.05
N GLY E 44 -17.56 -2.77 52.99
CA GLY E 44 -17.78 -4.18 53.21
C GLY E 44 -17.31 -5.15 52.14
N THR E 45 -16.43 -4.69 51.24
CA THR E 45 -15.82 -5.56 50.22
C THR E 45 -14.36 -5.95 50.49
N GLY E 46 -13.81 -5.51 51.62
CA GLY E 46 -12.41 -5.75 51.89
C GLY E 46 -11.47 -4.88 51.05
N GLY E 47 -11.94 -3.71 50.65
CA GLY E 47 -11.07 -2.76 49.97
C GLY E 47 -11.20 -2.61 48.47
N LEU E 48 -12.29 -3.11 47.90
CA LEU E 48 -12.54 -2.86 46.48
C LEU E 48 -12.83 -1.38 46.29
N ARG E 49 -12.25 -0.78 45.25
CA ARG E 49 -12.48 0.64 44.98
C ARG E 49 -13.16 0.87 43.63
N LYS E 50 -13.93 1.95 43.56
CA LYS E 50 -14.70 2.26 42.36
C LYS E 50 -14.29 3.64 41.86
N ILE E 51 -13.92 3.72 40.58
CA ILE E 51 -13.45 4.98 40.01
C ILE E 51 -14.23 5.32 38.74
N ARG E 52 -14.74 6.55 38.69
CA ARG E 52 -15.43 7.02 37.51
C ARG E 52 -14.49 7.71 36.55
N VAL E 53 -14.49 7.20 35.32
CA VAL E 53 -13.64 7.73 34.27
C VAL E 53 -14.54 8.33 33.21
N ALA E 54 -14.26 9.56 32.84
CA ALA E 54 -15.09 10.19 31.85
C ALA E 54 -14.51 9.81 30.50
N SER E 55 -15.16 8.90 29.80
CA SER E 55 -14.70 8.55 28.47
C SER E 55 -15.60 9.31 27.48
N LYS E 56 -15.04 10.36 26.91
CA LYS E 56 -15.82 11.34 26.16
C LYS E 56 -15.64 11.25 24.65
N ARG E 61 -22.41 5.55 25.52
CA ARG E 61 -22.69 6.87 26.10
C ARG E 61 -22.36 6.91 27.58
N GLY E 62 -21.87 8.05 28.05
CA GLY E 62 -21.56 8.23 29.46
C GLY E 62 -20.11 7.94 29.81
N GLY E 63 -19.77 8.20 31.07
CA GLY E 63 -18.46 7.91 31.59
C GLY E 63 -18.36 6.48 32.06
N SER E 64 -17.14 5.93 32.11
CA SER E 64 -16.99 4.55 32.53
C SER E 64 -16.67 4.52 34.00
N ARG E 65 -17.23 3.53 34.68
CA ARG E 65 -16.91 3.28 36.07
C ARG E 65 -16.08 2.03 36.08
N ILE E 66 -14.94 2.08 36.76
CA ILE E 66 -14.09 0.90 36.88
C ILE E 66 -13.97 0.50 38.35
N ILE E 67 -14.08 -0.79 38.62
CA ILE E 67 -13.93 -1.30 39.98
C ILE E 67 -12.68 -2.14 40.11
N TYR E 68 -11.85 -1.84 41.09
CA TYR E 68 -10.57 -2.51 41.22
C TYR E 68 -10.18 -2.76 42.67
N TYR E 69 -9.19 -3.63 42.86
CA TYR E 69 -8.57 -3.83 44.17
C TYR E 69 -7.04 -3.73 44.09
N PHE E 70 -6.46 -2.98 45.02
CA PHE E 70 -5.02 -2.87 45.12
C PHE E 70 -4.51 -3.81 46.21
N LEU E 71 -3.63 -4.73 45.86
CA LEU E 71 -3.00 -5.60 46.84
C LEU E 71 -1.61 -5.06 47.24
N ASP E 72 -1.45 -4.54 48.45
CA ASP E 72 -0.19 -3.86 48.81
C ASP E 72 1.00 -4.80 48.87
N GLU E 73 0.78 -6.02 49.36
CA GLU E 73 1.85 -6.98 49.53
C GLU E 73 2.64 -7.06 48.23
N LYS E 74 1.92 -7.25 47.11
CA LYS E 74 2.58 -7.36 45.83
C LYS E 74 2.58 -6.06 45.01
N ARG E 75 1.99 -4.99 45.57
CA ARG E 75 1.84 -3.75 44.81
C ARG E 75 1.20 -4.02 43.45
N ARG E 76 0.02 -4.64 43.45
CA ARG E 76 -0.57 -5.19 42.24
C ARG E 76 -2.04 -4.80 42.12
N PHE E 77 -2.49 -4.50 40.89
CA PHE E 77 -3.87 -4.10 40.66
C PHE E 77 -4.72 -5.21 40.06
N TYR E 78 -5.89 -5.42 40.66
CA TYR E 78 -6.88 -6.36 40.14
C TYR E 78 -8.09 -5.59 39.60
N LEU E 79 -8.28 -5.67 38.29
CA LEU E 79 -9.38 -4.97 37.64
C LEU E 79 -10.60 -5.89 37.52
N LEU E 80 -11.63 -5.55 38.28
CA LEU E 80 -12.80 -6.40 38.44
C LEU E 80 -13.70 -6.32 37.22
N THR E 81 -14.21 -5.13 37.00
CA THR E 81 -15.19 -4.94 35.96
C THR E 81 -15.18 -3.48 35.52
N ILE E 82 -15.86 -3.21 34.42
CA ILE E 82 -16.01 -1.86 33.93
C ILE E 82 -17.44 -1.78 33.39
N TYR E 83 -18.10 -0.65 33.60
CA TYR E 83 -19.50 -0.52 33.20
C TYR E 83 -19.92 0.94 33.02
N GLY E 84 -21.04 1.16 32.36
CA GLY E 84 -21.64 2.49 32.23
C GLY E 84 -22.71 2.73 33.27
N LYS E 85 -23.33 3.91 33.25
CA LYS E 85 -24.34 4.24 34.23
C LYS E 85 -25.50 3.25 34.23
N ASN E 86 -25.90 2.82 35.43
CA ASN E 86 -27.07 1.96 35.64
C ASN E 86 -26.98 0.56 35.05
N GLU E 87 -25.77 0.06 34.84
CA GLU E 87 -25.57 -1.30 34.38
C GLU E 87 -25.28 -2.22 35.57
N MET E 88 -25.04 -1.60 36.73
CA MET E 88 -24.76 -2.32 37.98
C MET E 88 -25.75 -1.88 39.03
N SER E 89 -25.90 -2.68 40.07
CA SER E 89 -26.86 -2.38 41.11
C SER E 89 -26.18 -2.27 42.46
N ASP E 90 -26.88 -1.73 43.43
CA ASP E 90 -26.37 -1.66 44.78
C ASP E 90 -26.22 -3.08 45.32
N LEU E 91 -25.16 -3.28 46.09
CA LEU E 91 -24.84 -4.59 46.64
C LEU E 91 -25.56 -4.81 47.96
N ASN E 92 -25.95 -6.03 48.22
CA ASN E 92 -26.47 -6.33 49.50
C ASN E 92 -25.44 -7.11 50.25
N ALA E 93 -25.76 -7.55 51.44
CA ALA E 93 -24.83 -8.30 52.21
C ALA E 93 -24.44 -9.64 51.61
N ASN E 94 -25.38 -10.40 51.09
CA ASN E 94 -25.04 -11.66 50.43
C ASN E 94 -24.14 -11.44 49.23
N GLN E 95 -24.39 -10.35 48.49
CA GLN E 95 -23.59 -10.06 47.31
C GLN E 95 -22.21 -9.53 47.70
N ARG E 96 -22.12 -8.81 48.80
CA ARG E 96 -20.85 -8.27 49.21
C ARG E 96 -19.99 -9.40 49.70
N LYS E 97 -20.61 -10.35 50.34
CA LYS E 97 -19.90 -11.52 50.85
C LYS E 97 -19.29 -12.34 49.71
N GLN E 98 -20.09 -12.66 48.71
CA GLN E 98 -19.65 -13.45 47.56
C GLN E 98 -18.50 -12.75 46.83
N LEU E 99 -18.58 -11.43 46.73
CA LEU E 99 -17.53 -10.62 46.12
C LEU E 99 -16.20 -10.78 46.86
N MET E 100 -16.27 -10.85 48.18
CA MET E 100 -15.06 -10.99 48.98
C MET E 100 -14.47 -12.38 48.78
N ALA E 101 -15.34 -13.37 48.68
CA ALA E 101 -14.89 -14.73 48.46
C ALA E 101 -14.22 -14.83 47.11
N PHE E 102 -14.78 -14.13 46.12
CA PHE E 102 -14.24 -14.10 44.77
C PHE E 102 -12.82 -13.53 44.77
N MET E 103 -12.66 -12.36 45.38
CA MET E 103 -11.34 -11.76 45.54
C MET E 103 -10.39 -12.70 46.28
N GLU E 104 -10.86 -13.32 47.36
CA GLU E 104 -10.05 -14.28 48.09
C GLU E 104 -9.57 -15.41 47.18
N ALA E 105 -10.51 -16.02 46.46
CA ALA E 105 -10.22 -17.12 45.55
C ALA E 105 -9.28 -16.69 44.43
N TRP E 106 -9.56 -15.52 43.87
CA TRP E 106 -8.80 -15.00 42.74
C TRP E 106 -7.37 -14.69 43.14
N ARG E 107 -7.22 -13.94 44.23
CA ARG E 107 -5.91 -13.57 44.77
C ARG E 107 -4.99 -14.78 45.06
N ASN E 108 -5.58 -15.89 45.52
CA ASN E 108 -4.79 -17.06 45.88
C ASN E 108 -4.52 -17.94 44.67
N GLU E 109 -5.26 -17.70 43.61
CA GLU E 109 -5.03 -18.31 42.31
C GLU E 109 -3.95 -17.55 41.54
N GLN E 110 -3.95 -16.24 41.70
CA GLN E 110 -2.95 -15.37 41.10
C GLN E 110 -1.72 -15.09 41.96
N SER E 111 -1.61 -15.78 43.10
CA SER E 111 -0.51 -15.59 44.07
C SER E 111 -0.93 -16.09 45.45
N GLN F 1 -9.98 -14.33 23.97
CA GLN F 1 -11.40 -14.19 23.65
C GLN F 1 -12.24 -15.06 24.58
N VAL F 2 -13.06 -14.40 25.40
CA VAL F 2 -13.86 -15.10 26.39
C VAL F 2 -15.32 -15.18 25.97
N GLN F 3 -15.93 -16.34 26.20
CA GLN F 3 -17.28 -16.59 25.73
C GLN F 3 -18.00 -17.59 26.63
N LEU F 4 -19.32 -17.55 26.59
CA LEU F 4 -20.14 -18.61 27.16
C LEU F 4 -20.91 -19.29 26.03
N GLN F 5 -20.93 -20.62 26.02
CA GLN F 5 -21.59 -21.34 24.96
C GLN F 5 -22.79 -22.13 25.46
N GLU F 6 -23.97 -21.69 25.05
CA GLU F 6 -25.26 -22.26 25.43
C GLU F 6 -25.69 -23.35 24.46
N SER F 7 -26.25 -24.44 24.98
CA SER F 7 -26.75 -25.49 24.10
C SER F 7 -27.86 -26.28 24.78
N GLY F 8 -28.47 -27.20 24.03
CA GLY F 8 -29.45 -28.12 24.55
C GLY F 8 -30.87 -27.73 24.23
N GLY F 9 -31.04 -26.65 23.47
CA GLY F 9 -32.37 -26.18 23.09
C GLY F 9 -33.00 -27.03 22.01
N GLY F 10 -34.16 -26.59 21.52
CA GLY F 10 -34.85 -27.35 20.48
C GLY F 10 -36.36 -27.25 20.57
N LEU F 11 -37.06 -28.04 19.76
CA LEU F 11 -38.50 -28.05 19.79
C LEU F 11 -38.87 -29.01 20.90
N VAL F 12 -39.85 -28.64 21.71
CA VAL F 12 -40.23 -29.46 22.86
C VAL F 12 -41.73 -29.40 23.04
N GLN F 13 -42.30 -30.48 23.57
CA GLN F 13 -43.75 -30.55 23.80
C GLN F 13 -44.20 -29.86 25.08
N PRO F 14 -45.44 -29.37 25.09
CA PRO F 14 -46.02 -28.86 26.34
C PRO F 14 -45.99 -29.95 27.41
N GLY F 15 -45.56 -29.59 28.61
CA GLY F 15 -45.47 -30.54 29.71
C GLY F 15 -44.16 -31.29 29.75
N GLY F 16 -43.44 -31.25 28.63
CA GLY F 16 -42.19 -31.99 28.49
C GLY F 16 -41.05 -31.37 29.26
N SER F 17 -39.86 -31.97 29.13
CA SER F 17 -38.63 -31.48 29.76
C SER F 17 -37.49 -31.34 28.79
N LEU F 18 -36.48 -30.32 29.16
CA LEU F 18 -35.23 -30.37 28.40
C LEU F 18 -34.11 -29.95 29.34
N ARG F 19 -33.02 -30.01 29.11
CA ARG F 19 -31.91 -29.48 29.88
C ARG F 19 -30.94 -28.66 29.04
N LEU F 20 -30.63 -27.45 29.51
CA LEU F 20 -29.72 -26.55 28.81
C LEU F 20 -28.33 -26.51 29.46
N SER F 21 -27.32 -26.23 28.63
CA SER F 21 -25.94 -26.19 29.10
C SER F 21 -25.28 -24.86 28.81
N CYS F 22 -24.48 -24.41 29.77
CA CYS F 22 -23.67 -23.21 29.66
C CYS F 22 -22.22 -23.59 29.92
N ALA F 23 -21.37 -23.50 28.91
CA ALA F 23 -19.98 -23.90 29.05
C ALA F 23 -19.04 -22.73 28.81
N ALA F 24 -18.10 -22.54 29.73
CA ALA F 24 -17.13 -21.47 29.60
C ALA F 24 -16.15 -21.75 28.46
N SER F 25 -15.82 -20.70 27.71
CA SER F 25 -14.79 -20.76 26.69
C SER F 25 -13.77 -19.65 26.87
N GLY F 26 -12.50 -20.06 26.93
CA GLY F 26 -11.41 -19.12 27.09
C GLY F 26 -11.17 -18.76 28.55
N PHE F 27 -11.93 -19.39 29.45
CA PHE F 27 -11.69 -19.19 30.88
C PHE F 27 -12.35 -20.28 31.69
N THR F 28 -12.08 -20.26 32.99
CA THR F 28 -12.65 -21.19 33.96
C THR F 28 -13.71 -20.48 34.77
N LEU F 29 -14.91 -21.05 34.83
CA LEU F 29 -16.03 -20.35 35.46
C LEU F 29 -16.21 -20.67 36.94
N ASP F 30 -15.28 -21.45 37.50
CA ASP F 30 -15.36 -21.89 38.89
C ASP F 30 -15.70 -20.79 39.89
N TYR F 31 -14.98 -19.67 39.82
CA TYR F 31 -15.11 -18.64 40.87
C TYR F 31 -16.28 -17.70 40.63
N TYR F 32 -16.88 -17.80 39.45
CA TYR F 32 -17.96 -16.90 39.09
C TYR F 32 -19.36 -17.48 39.38
N ALA F 33 -20.28 -16.59 39.75
CA ALA F 33 -21.70 -16.91 39.76
C ALA F 33 -22.14 -16.96 38.29
N ILE F 34 -23.12 -17.80 37.98
CA ILE F 34 -23.57 -17.95 36.60
C ILE F 34 -25.08 -17.82 36.60
N GLY F 35 -25.64 -17.21 35.56
CA GLY F 35 -27.07 -17.00 35.51
C GLY F 35 -27.67 -17.16 34.13
N TRP F 36 -28.98 -17.34 34.10
CA TRP F 36 -29.71 -17.50 32.86
C TRP F 36 -30.70 -16.36 32.67
N PHE F 37 -30.75 -15.80 31.46
CA PHE F 37 -31.90 -14.99 31.08
C PHE F 37 -32.39 -15.48 29.71
N ARG F 38 -33.58 -15.03 29.31
CA ARG F 38 -34.11 -15.42 28.03
C ARG F 38 -34.69 -14.21 27.32
N GLN F 39 -34.81 -14.29 26.00
CA GLN F 39 -35.36 -13.19 25.22
C GLN F 39 -36.24 -13.70 24.07
N ALA F 40 -37.42 -13.13 23.94
CA ALA F 40 -38.25 -13.42 22.79
C ALA F 40 -37.96 -12.36 21.75
N PRO F 41 -38.11 -12.70 20.46
CA PRO F 41 -37.83 -11.68 19.46
C PRO F 41 -38.77 -10.50 19.65
N GLY F 42 -38.22 -9.29 19.67
CA GLY F 42 -39.03 -8.10 19.85
C GLY F 42 -39.38 -7.78 21.29
N LYS F 43 -38.76 -8.50 22.22
CA LYS F 43 -39.03 -8.28 23.64
C LYS F 43 -37.75 -8.06 24.46
N GLU F 44 -37.93 -7.51 25.65
CA GLU F 44 -36.81 -7.23 26.54
C GLU F 44 -36.31 -8.54 27.15
N ARG F 45 -35.04 -8.54 27.53
CA ARG F 45 -34.42 -9.64 28.27
C ARG F 45 -35.16 -9.88 29.59
N GLU F 46 -35.42 -11.13 29.94
CA GLU F 46 -35.98 -11.42 31.25
C GLU F 46 -35.17 -12.47 31.98
N GLY F 47 -34.79 -12.17 33.22
CA GLY F 47 -33.99 -13.08 34.02
C GLY F 47 -34.73 -14.35 34.29
N VAL F 48 -34.02 -15.47 34.18
CA VAL F 48 -34.63 -16.76 34.46
C VAL F 48 -34.13 -17.31 35.80
N SER F 49 -32.83 -17.57 35.87
CA SER F 49 -32.25 -18.20 37.04
C SER F 49 -30.78 -17.84 37.19
N CYS F 50 -30.28 -18.06 38.40
CA CYS F 50 -28.89 -17.78 38.70
C CYS F 50 -28.42 -18.67 39.86
N ILE F 51 -27.12 -19.01 39.85
CA ILE F 51 -26.51 -19.86 40.88
C ILE F 51 -25.14 -19.36 41.32
N SER F 52 -24.89 -19.44 42.62
CA SER F 52 -23.65 -18.93 43.20
C SER F 52 -22.44 -19.81 42.84
N SER F 53 -21.26 -19.24 42.98
CA SER F 53 -20.02 -19.93 42.71
C SER F 53 -19.93 -21.28 43.41
N SER F 54 -20.36 -21.30 44.67
CA SER F 54 -20.33 -22.52 45.48
C SER F 54 -21.57 -23.38 45.29
N GLY F 55 -22.57 -22.86 44.58
CA GLY F 55 -23.81 -23.58 44.40
C GLY F 55 -24.77 -23.43 45.58
N GLY F 56 -24.29 -22.82 46.65
CA GLY F 56 -25.06 -22.65 47.88
C GLY F 56 -26.20 -21.65 47.76
N THR F 57 -26.18 -20.84 46.71
CA THR F 57 -27.25 -19.89 46.46
C THR F 57 -27.78 -20.04 45.04
N THR F 58 -29.08 -20.26 44.92
CA THR F 58 -29.74 -20.30 43.62
C THR F 58 -30.87 -19.29 43.62
N ASN F 59 -31.18 -18.77 42.44
CA ASN F 59 -32.31 -17.85 42.28
C ASN F 59 -33.15 -18.26 41.09
N TYR F 60 -34.44 -17.95 41.16
CA TYR F 60 -35.36 -18.24 40.08
C TYR F 60 -36.38 -17.11 39.91
N ALA F 61 -36.72 -16.81 38.66
CA ALA F 61 -37.80 -15.88 38.41
C ALA F 61 -39.08 -16.50 38.94
N ASP F 62 -39.98 -15.67 39.44
CA ASP F 62 -41.20 -16.16 40.07
C ASP F 62 -41.95 -17.14 39.17
N SER F 63 -42.02 -16.82 37.88
CA SER F 63 -42.81 -17.64 36.96
C SER F 63 -42.11 -18.97 36.56
N VAL F 64 -40.81 -19.13 36.82
CA VAL F 64 -40.20 -20.46 36.61
C VAL F 64 -39.97 -21.24 37.90
N LYS F 65 -40.28 -20.62 39.03
CA LYS F 65 -39.96 -21.21 40.34
C LYS F 65 -40.68 -22.54 40.50
N GLY F 66 -39.90 -23.59 40.76
CA GLY F 66 -40.41 -24.94 40.93
C GLY F 66 -40.40 -25.76 39.65
N ARG F 67 -40.49 -25.09 38.50
CA ARG F 67 -40.40 -25.78 37.21
C ARG F 67 -38.95 -25.95 36.73
N PHE F 68 -38.11 -24.96 37.00
CA PHE F 68 -36.71 -24.97 36.55
C PHE F 68 -35.77 -25.26 37.72
N THR F 69 -34.66 -25.91 37.42
CA THR F 69 -33.59 -26.12 38.40
C THR F 69 -32.24 -25.82 37.80
N VAL F 70 -31.50 -24.94 38.45
CA VAL F 70 -30.16 -24.62 37.99
C VAL F 70 -29.12 -25.36 38.83
N SER F 71 -28.15 -25.95 38.16
CA SER F 71 -27.05 -26.64 38.84
C SER F 71 -25.75 -26.35 38.11
N ARG F 72 -24.62 -26.68 38.72
CA ARG F 72 -23.35 -26.46 38.06
C ARG F 72 -22.39 -27.57 38.35
N ASP F 73 -21.44 -27.77 37.44
CA ASP F 73 -20.33 -28.65 37.71
C ASP F 73 -19.07 -27.87 37.40
N ASN F 74 -18.31 -27.47 38.42
CA ASN F 74 -17.15 -26.63 38.17
C ASN F 74 -16.02 -27.43 37.55
N ALA F 75 -15.98 -28.72 37.85
CA ALA F 75 -14.96 -29.58 37.27
C ALA F 75 -15.14 -29.73 35.76
N LYS F 76 -16.38 -29.61 35.30
CA LYS F 76 -16.68 -29.71 33.87
C LYS F 76 -16.81 -28.35 33.20
N ASN F 77 -16.56 -27.29 33.96
CA ASN F 77 -16.61 -25.93 33.44
C ASN F 77 -17.96 -25.61 32.81
N THR F 78 -19.00 -26.20 33.39
CA THR F 78 -20.34 -26.11 32.83
C THR F 78 -21.43 -25.90 33.87
N VAL F 79 -22.41 -25.08 33.50
CA VAL F 79 -23.60 -24.83 34.31
C VAL F 79 -24.84 -25.32 33.56
N TYR F 80 -25.81 -25.86 34.29
CA TYR F 80 -27.01 -26.43 33.69
C TYR F 80 -28.31 -25.77 34.12
N LEU F 81 -29.28 -25.78 33.22
CA LEU F 81 -30.65 -25.40 33.56
C LEU F 81 -31.59 -26.54 33.17
N GLN F 82 -32.14 -27.20 34.18
CA GLN F 82 -33.14 -28.24 33.97
C GLN F 82 -34.51 -27.57 33.88
N MET F 83 -35.17 -27.71 32.73
CA MET F 83 -36.47 -27.10 32.50
C MET F 83 -37.54 -28.19 32.47
N ASN F 84 -38.44 -28.16 33.45
CA ASN F 84 -39.52 -29.14 33.54
C ASN F 84 -40.90 -28.51 33.37
N SER F 85 -41.90 -29.28 32.97
CA SER F 85 -43.26 -28.77 32.87
C SER F 85 -43.35 -27.52 32.00
N LEU F 86 -42.85 -27.64 30.78
CA LEU F 86 -42.71 -26.50 29.89
C LEU F 86 -44.03 -25.92 29.38
N LYS F 87 -44.11 -24.60 29.37
CA LYS F 87 -45.30 -23.89 28.92
C LYS F 87 -44.95 -23.05 27.71
N PRO F 88 -45.96 -22.65 26.93
CA PRO F 88 -45.73 -21.80 25.76
C PRO F 88 -44.99 -20.50 26.10
N GLU F 89 -45.11 -20.05 27.35
CA GLU F 89 -44.48 -18.80 27.75
C GLU F 89 -42.97 -18.92 27.79
N ASP F 90 -42.47 -20.14 27.72
CA ASP F 90 -41.05 -20.38 27.83
C ASP F 90 -40.33 -20.35 26.50
N THR F 91 -41.05 -20.17 25.40
CA THR F 91 -40.42 -20.11 24.09
C THR F 91 -39.61 -18.83 23.99
N ALA F 92 -38.32 -18.97 23.76
CA ALA F 92 -37.40 -17.84 23.78
C ALA F 92 -35.98 -18.30 23.54
N VAL F 93 -35.08 -17.37 23.31
CA VAL F 93 -33.67 -17.69 23.26
C VAL F 93 -33.11 -17.58 24.67
N TYR F 94 -32.42 -18.62 25.13
CA TYR F 94 -31.86 -18.64 26.48
C TYR F 94 -30.37 -18.34 26.45
N TYR F 95 -29.93 -17.48 27.36
CA TYR F 95 -28.57 -16.99 27.39
C TYR F 95 -27.93 -17.22 28.73
N CYS F 96 -26.62 -17.42 28.70
CA CYS F 96 -25.82 -17.61 29.91
C CYS F 96 -25.06 -16.33 30.19
N VAL F 97 -24.79 -16.10 31.46
CA VAL F 97 -24.10 -14.92 31.91
C VAL F 97 -23.17 -15.26 33.06
N ALA F 98 -22.03 -14.58 33.13
CA ALA F 98 -21.12 -14.77 34.25
C ALA F 98 -21.08 -13.52 35.12
N ASP F 99 -21.05 -13.70 36.43
CA ASP F 99 -21.03 -12.58 37.36
C ASP F 99 -20.35 -12.91 38.69
N PHE F 100 -20.24 -11.91 39.55
CA PHE F 100 -19.54 -12.05 40.80
C PHE F 100 -20.41 -12.64 41.89
N ALA F 101 -21.72 -12.55 41.71
CA ALA F 101 -22.64 -13.03 42.72
C ALA F 101 -24.00 -13.44 42.18
N CYS F 102 -24.66 -14.29 42.95
CA CYS F 102 -26.06 -14.62 42.77
C CYS F 102 -26.80 -14.22 44.04
N PRO F 103 -27.75 -13.28 43.93
CA PRO F 103 -28.30 -12.71 42.71
C PRO F 103 -27.34 -11.84 41.92
N LEU F 104 -27.57 -11.79 40.61
CA LEU F 104 -26.71 -11.07 39.69
C LEU F 104 -26.64 -9.57 39.97
N ILE F 105 -25.43 -9.04 39.84
CA ILE F 105 -25.17 -7.63 40.02
C ILE F 105 -25.36 -6.82 38.73
N ARG F 106 -24.80 -7.33 37.64
CA ARG F 106 -24.81 -6.61 36.37
C ARG F 106 -26.10 -6.91 35.63
N GLU F 107 -26.60 -5.94 34.86
CA GLU F 107 -27.75 -6.13 34.00
C GLU F 107 -27.44 -7.25 33.01
N TYR F 108 -28.49 -7.95 32.59
CA TYR F 108 -28.32 -9.04 31.64
C TYR F 108 -27.63 -8.55 30.38
N ASP F 109 -26.67 -9.33 29.89
CA ASP F 109 -25.95 -9.00 28.68
C ASP F 109 -25.42 -10.29 28.04
N TYR F 110 -25.20 -10.24 26.74
CA TYR F 110 -24.90 -11.44 25.98
C TYR F 110 -23.45 -11.88 26.11
N TRP F 111 -23.24 -13.11 26.58
CA TRP F 111 -21.93 -13.73 26.64
C TRP F 111 -21.71 -14.74 25.53
N GLY F 112 -22.75 -14.99 24.75
CA GLY F 112 -22.72 -16.08 23.80
C GLY F 112 -23.85 -15.90 22.82
N GLN F 113 -24.03 -16.90 21.97
CA GLN F 113 -24.99 -16.81 20.91
C GLN F 113 -26.39 -17.25 21.33
N GLY F 114 -26.49 -17.87 22.50
CA GLY F 114 -27.78 -18.31 23.04
C GLY F 114 -28.35 -19.55 22.37
N THR F 115 -29.33 -20.18 23.01
CA THR F 115 -29.93 -21.37 22.41
C THR F 115 -31.45 -21.25 22.38
N GLN F 116 -32.05 -21.65 21.26
CA GLN F 116 -33.49 -21.54 21.06
C GLN F 116 -34.26 -22.67 21.74
N VAL F 117 -35.29 -22.29 22.48
CA VAL F 117 -36.21 -23.26 23.06
C VAL F 117 -37.60 -22.94 22.52
N THR F 118 -38.19 -23.89 21.81
CA THR F 118 -39.52 -23.68 21.25
C THR F 118 -40.51 -24.70 21.80
N VAL F 119 -41.55 -24.20 22.42
CA VAL F 119 -42.58 -25.06 22.98
C VAL F 119 -43.70 -25.17 21.97
N SER F 120 -43.90 -26.39 21.47
CA SER F 120 -44.87 -26.65 20.42
C SER F 120 -46.27 -26.17 20.79
N SER F 121 -46.91 -25.44 19.86
CA SER F 121 -48.26 -24.96 20.07
C SER F 121 -49.24 -25.61 19.09
N HIS F 122 -50.28 -26.21 19.62
CA HIS F 122 -51.35 -26.74 18.78
C HIS F 122 -52.72 -26.45 19.36
N HIS F 123 -53.51 -25.70 18.61
CA HIS F 123 -54.86 -25.35 19.01
C HIS F 123 -55.82 -26.12 18.12
N HIS F 124 -56.72 -26.89 18.72
CA HIS F 124 -57.58 -27.77 17.95
C HIS F 124 -58.88 -27.10 17.56
N HIS F 125 -59.26 -27.21 16.29
CA HIS F 125 -60.49 -26.58 15.87
C HIS F 125 -61.72 -27.49 15.89
N HIS F 126 -62.58 -27.23 16.86
CA HIS F 126 -63.95 -27.73 16.89
C HIS F 126 -64.76 -26.64 16.24
N HIS F 127 -66.07 -26.85 16.15
CA HIS F 127 -66.96 -25.78 15.71
C HIS F 127 -68.28 -25.86 16.47
N HIS G 1 13.55 -9.72 28.93
CA HIS G 1 12.38 -10.27 28.25
C HIS G 1 12.52 -10.20 26.73
N MET G 2 12.05 -11.23 26.03
CA MET G 2 12.09 -11.28 24.58
C MET G 2 10.73 -11.08 23.92
N LYS G 3 10.68 -10.23 22.91
CA LYS G 3 9.46 -9.99 22.15
C LYS G 3 8.99 -11.30 21.49
N SER G 4 7.67 -11.47 21.43
CA SER G 4 7.07 -12.66 20.82
C SER G 4 7.25 -12.66 19.31
N VAL G 5 7.50 -13.84 18.73
CA VAL G 5 7.61 -13.98 17.28
C VAL G 5 6.28 -14.43 16.66
N PHE G 6 5.24 -14.50 17.47
CA PHE G 6 3.95 -14.91 16.93
C PHE G 6 2.94 -13.78 16.93
N VAL G 7 2.25 -13.63 15.80
CA VAL G 7 1.34 -12.52 15.58
C VAL G 7 0.01 -13.05 15.09
N GLU G 8 -1.06 -12.68 15.79
CA GLU G 8 -2.39 -13.19 15.48
C GLU G 8 -3.23 -12.18 14.73
N SER G 9 -3.88 -12.63 13.67
CA SER G 9 -4.88 -11.82 13.00
C SER G 9 -6.06 -11.68 13.95
N THR G 10 -6.89 -10.67 13.72
CA THR G 10 -8.10 -10.53 14.50
C THR G 10 -8.94 -11.81 14.45
N ILE G 11 -9.03 -12.42 13.26
CA ILE G 11 -9.82 -13.63 13.07
C ILE G 11 -9.31 -14.82 13.89
N PHE G 12 -8.00 -15.02 13.89
CA PHE G 12 -7.38 -16.08 14.70
C PHE G 12 -7.62 -15.86 16.18
N GLU G 13 -7.48 -14.63 16.61
CA GLU G 13 -7.69 -14.26 17.99
C GLU G 13 -9.11 -14.57 18.42
N LYS G 14 -10.07 -14.24 17.56
CA LYS G 14 -11.47 -14.50 17.87
C LYS G 14 -11.72 -15.98 18.10
N TYR G 15 -11.11 -16.83 17.28
CA TYR G 15 -11.47 -18.24 17.30
C TYR G 15 -10.53 -19.17 18.09
N ARG G 16 -9.39 -18.68 18.56
CA ARG G 16 -8.36 -19.61 19.05
C ARG G 16 -8.77 -20.44 20.26
N ASP G 17 -9.27 -19.77 21.30
CA ASP G 17 -9.65 -20.45 22.53
C ASP G 17 -10.73 -21.51 22.31
N GLU G 18 -11.53 -21.37 21.27
CA GLU G 18 -12.54 -22.35 20.98
C GLU G 18 -11.92 -23.65 20.52
N TYR G 19 -10.77 -23.56 19.89
CA TYR G 19 -10.19 -24.68 19.20
C TYR G 19 -8.96 -25.21 19.86
N LEU G 20 -8.35 -24.41 20.72
CA LEU G 20 -7.12 -24.81 21.41
C LEU G 20 -7.06 -24.33 22.84
N SER G 21 -6.70 -25.23 23.74
CA SER G 21 -6.35 -24.82 25.10
C SER G 21 -5.05 -24.04 25.02
N ASP G 22 -4.80 -23.21 26.03
CA ASP G 22 -3.53 -22.50 26.12
C ASP G 22 -2.34 -23.48 26.05
N GLU G 23 -2.44 -24.57 26.80
CA GLU G 23 -1.40 -25.59 26.81
C GLU G 23 -1.13 -26.14 25.41
N GLU G 24 -2.20 -26.39 24.66
CA GLU G 24 -2.07 -26.96 23.31
C GLU G 24 -1.48 -25.94 22.35
N TYR G 25 -1.91 -24.69 22.51
CA TYR G 25 -1.42 -23.56 21.73
C TYR G 25 0.07 -23.38 21.97
N ARG G 26 0.50 -23.50 23.23
CA ARG G 26 1.92 -23.40 23.56
C ARG G 26 2.77 -24.42 22.82
N LEU G 27 2.27 -25.65 22.74
CA LEU G 27 3.01 -26.73 22.08
C LEU G 27 3.07 -26.50 20.59
N PHE G 28 1.95 -26.05 20.02
CA PHE G 28 1.88 -25.75 18.59
C PHE G 28 2.93 -24.73 18.19
N GLN G 29 3.03 -23.67 18.99
CA GLN G 29 4.05 -22.65 18.77
C GLN G 29 5.45 -23.24 18.86
N ALA G 30 5.67 -24.13 19.83
CA ALA G 30 6.99 -24.74 20.00
C ALA G 30 7.38 -25.54 18.77
N GLU G 31 6.42 -26.24 18.19
CA GLU G 31 6.66 -27.04 16.99
C GLU G 31 6.94 -26.15 15.79
N LEU G 32 6.20 -25.05 15.68
CA LEU G 32 6.46 -24.09 14.61
C LEU G 32 7.84 -23.48 14.73
N MET G 33 8.23 -23.14 15.95
CA MET G 33 9.55 -22.55 16.20
C MET G 33 10.65 -23.45 15.67
N LEU G 34 10.53 -24.75 15.96
CA LEU G 34 11.54 -25.72 15.55
C LEU G 34 11.44 -26.05 14.08
N ASN G 35 10.23 -25.97 13.52
CA ASN G 35 10.03 -26.35 12.12
C ASN G 35 9.02 -25.43 11.46
N PRO G 36 9.48 -24.27 10.97
CA PRO G 36 8.60 -23.25 10.37
C PRO G 36 7.97 -23.73 9.07
N LYS G 37 8.53 -24.78 8.49
CA LYS G 37 7.99 -25.40 7.28
C LYS G 37 7.06 -26.56 7.62
N LEU G 38 6.69 -26.64 8.90
CA LEU G 38 5.81 -27.70 9.41
C LEU G 38 4.54 -27.91 8.59
N GLY G 39 3.92 -26.81 8.15
CA GLY G 39 2.72 -26.91 7.35
C GLY G 39 3.03 -27.03 5.88
N ASP G 40 2.03 -27.46 5.10
CA ASP G 40 2.16 -27.53 3.64
C ASP G 40 1.75 -26.23 2.99
N VAL G 41 2.45 -25.85 1.93
CA VAL G 41 2.16 -24.60 1.25
C VAL G 41 0.87 -24.69 0.44
N ILE G 42 -0.03 -23.75 0.69
CA ILE G 42 -1.27 -23.62 -0.06
C ILE G 42 -0.98 -22.88 -1.36
N GLN G 43 -1.29 -23.52 -2.48
CA GLN G 43 -0.89 -23.04 -3.79
C GLN G 43 -1.45 -21.64 -4.13
N GLY G 44 -0.60 -20.80 -4.68
CA GLY G 44 -0.96 -19.47 -5.13
C GLY G 44 -1.32 -18.49 -4.03
N THR G 45 -0.94 -18.81 -2.79
CA THR G 45 -1.21 -17.92 -1.65
C THR G 45 0.00 -17.08 -1.23
N GLY G 46 1.10 -17.21 -1.96
CA GLY G 46 2.31 -16.50 -1.61
C GLY G 46 3.04 -17.08 -0.41
N GLY G 47 2.85 -18.37 -0.17
CA GLY G 47 3.61 -19.06 0.86
C GLY G 47 2.87 -19.30 2.17
N LEU G 48 1.55 -19.12 2.15
CA LEU G 48 0.75 -19.47 3.31
C LEU G 48 0.72 -20.98 3.46
N ARG G 49 0.87 -21.45 4.69
CA ARG G 49 0.90 -22.88 4.95
C ARG G 49 -0.28 -23.31 5.80
N LYS G 50 -0.70 -24.57 5.60
CA LYS G 50 -1.85 -25.09 6.30
C LYS G 50 -1.40 -26.29 7.12
N ILE G 51 -1.70 -26.25 8.41
CA ILE G 51 -1.27 -27.31 9.30
C ILE G 51 -2.46 -27.76 10.14
N ARG G 52 -2.67 -29.08 10.23
CA ARG G 52 -3.74 -29.61 11.08
C ARG G 52 -3.23 -30.00 12.49
N VAL G 53 -3.96 -29.59 13.52
CA VAL G 53 -3.56 -29.88 14.89
C VAL G 53 -4.53 -30.85 15.57
N ALA G 54 -3.99 -31.95 16.09
CA ALA G 54 -4.78 -32.99 16.75
C ALA G 54 -5.07 -32.65 18.21
N SER G 55 -6.17 -33.19 18.74
CA SER G 55 -6.52 -33.02 20.16
C SER G 55 -7.57 -34.03 20.56
N GLY G 62 -12.29 -32.80 17.90
CA GLY G 62 -11.76 -32.99 16.55
C GLY G 62 -10.44 -32.26 16.39
N GLY G 63 -9.79 -32.44 15.24
CA GLY G 63 -8.58 -31.70 14.94
C GLY G 63 -8.86 -30.38 14.27
N SER G 64 -7.98 -29.42 14.52
CA SER G 64 -8.09 -28.06 13.98
C SER G 64 -7.14 -27.85 12.81
N ARG G 65 -7.55 -27.03 11.86
CA ARG G 65 -6.66 -26.59 10.80
C ARG G 65 -6.22 -25.15 11.10
N ILE G 66 -4.91 -24.91 11.01
CA ILE G 66 -4.34 -23.58 11.19
C ILE G 66 -3.63 -23.10 9.94
N ILE G 67 -3.87 -21.85 9.57
CA ILE G 67 -3.18 -21.24 8.43
C ILE G 67 -2.25 -20.15 8.92
N TYR G 68 -0.99 -20.24 8.49
CA TYR G 68 0.01 -19.31 8.97
C TYR G 68 1.00 -18.96 7.86
N TYR G 69 1.74 -17.88 8.08
CA TYR G 69 2.85 -17.55 7.22
C TYR G 69 4.09 -17.32 8.05
N PHE G 70 5.19 -17.93 7.64
CA PHE G 70 6.47 -17.70 8.28
C PHE G 70 7.22 -16.66 7.48
N LEU G 71 7.59 -15.56 8.12
CA LEU G 71 8.34 -14.52 7.45
C LEU G 71 9.84 -14.75 7.68
N ASP G 72 10.51 -15.20 6.63
CA ASP G 72 11.90 -15.65 6.75
C ASP G 72 12.82 -14.51 7.12
N GLU G 73 12.53 -13.34 6.55
CA GLU G 73 13.34 -12.15 6.76
C GLU G 73 13.56 -11.86 8.25
N LYS G 74 12.46 -11.78 8.98
CA LYS G 74 12.51 -11.48 10.42
C LYS G 74 12.36 -12.73 11.29
N ARG G 75 12.23 -13.90 10.67
CA ARG G 75 11.94 -15.13 11.42
C ARG G 75 10.72 -14.97 12.33
N ARG G 76 9.59 -14.62 11.74
CA ARG G 76 8.40 -14.22 12.49
C ARG G 76 7.15 -14.92 11.94
N PHE G 77 6.26 -15.34 12.83
CA PHE G 77 5.09 -16.13 12.42
C PHE G 77 3.79 -15.35 12.42
N TYR G 78 3.06 -15.47 11.32
CA TYR G 78 1.74 -14.89 11.20
C TYR G 78 0.67 -15.96 11.20
N LEU G 79 -0.15 -15.95 12.24
CA LEU G 79 -1.25 -16.90 12.37
C LEU G 79 -2.52 -16.29 11.76
N LEU G 80 -2.95 -16.87 10.64
CA LEU G 80 -4.04 -16.32 9.85
C LEU G 80 -5.38 -16.61 10.50
N THR G 81 -5.68 -17.89 10.59
CA THR G 81 -6.98 -18.29 11.09
C THR G 81 -6.87 -19.71 11.62
N ILE G 82 -7.94 -20.16 12.25
CA ILE G 82 -8.03 -21.52 12.76
C ILE G 82 -9.48 -21.99 12.61
N TYR G 83 -9.67 -23.26 12.26
CA TYR G 83 -11.01 -23.79 12.04
C TYR G 83 -11.09 -25.30 12.20
N GLY G 84 -12.30 -25.81 12.35
CA GLY G 84 -12.53 -27.24 12.41
C GLY G 84 -12.85 -27.76 11.03
N LYS G 85 -13.14 -29.05 10.94
CA LYS G 85 -13.40 -29.66 9.65
C LYS G 85 -14.49 -28.94 8.87
N ASN G 86 -14.20 -28.68 7.59
CA ASN G 86 -15.19 -28.16 6.65
C ASN G 86 -15.74 -26.76 6.95
N GLU G 87 -15.00 -25.94 7.66
CA GLU G 87 -15.44 -24.58 7.94
C GLU G 87 -14.91 -23.51 6.99
N MET G 88 -13.96 -23.90 6.14
CA MET G 88 -13.37 -22.97 5.18
C MET G 88 -13.66 -23.49 3.77
N SER G 89 -13.54 -22.62 2.78
CA SER G 89 -13.90 -23.01 1.42
C SER G 89 -12.73 -22.82 0.46
N ASP G 90 -12.83 -23.40 -0.72
CA ASP G 90 -11.80 -23.23 -1.75
C ASP G 90 -11.74 -21.80 -2.26
N LEU G 91 -10.52 -21.33 -2.48
CA LEU G 91 -10.25 -19.99 -2.95
C LEU G 91 -10.25 -19.91 -4.47
N ASN G 92 -10.77 -18.81 -5.01
CA ASN G 92 -10.65 -18.53 -6.43
C ASN G 92 -9.57 -17.48 -6.67
N ALA G 93 -9.41 -17.06 -7.92
CA ALA G 93 -8.37 -16.09 -8.28
C ALA G 93 -8.54 -14.79 -7.51
N ASN G 94 -9.76 -14.27 -7.45
CA ASN G 94 -10.01 -13.03 -6.71
C ASN G 94 -9.70 -13.19 -5.22
N GLN G 95 -9.98 -14.37 -4.67
CA GLN G 95 -9.77 -14.60 -3.23
C GLN G 95 -8.29 -14.84 -2.92
N ARG G 96 -7.56 -15.50 -3.82
CA ARG G 96 -6.13 -15.71 -3.60
C ARG G 96 -5.42 -14.36 -3.63
N LYS G 97 -5.86 -13.49 -4.54
CA LYS G 97 -5.32 -12.15 -4.68
C LYS G 97 -5.60 -11.35 -3.42
N GLN G 98 -6.85 -11.39 -2.97
CA GLN G 98 -7.28 -10.66 -1.78
C GLN G 98 -6.49 -11.10 -0.57
N LEU G 99 -6.33 -12.41 -0.46
CA LEU G 99 -5.62 -13.03 0.65
C LEU G 99 -4.13 -12.69 0.68
N MET G 100 -3.51 -12.62 -0.50
CA MET G 100 -2.10 -12.28 -0.59
C MET G 100 -1.84 -10.82 -0.28
N ALA G 101 -2.75 -9.95 -0.71
CA ALA G 101 -2.65 -8.52 -0.44
C ALA G 101 -2.76 -8.28 1.06
N PHE G 102 -3.63 -9.05 1.71
CA PHE G 102 -3.83 -8.99 3.14
C PHE G 102 -2.52 -9.28 3.88
N MET G 103 -1.91 -10.41 3.55
CA MET G 103 -0.61 -10.79 4.11
C MET G 103 0.43 -9.70 3.88
N GLU G 104 0.47 -9.21 2.65
CA GLU G 104 1.39 -8.16 2.28
C GLU G 104 1.14 -6.92 3.14
N ALA G 105 -0.12 -6.50 3.19
CA ALA G 105 -0.52 -5.33 3.96
C ALA G 105 -0.20 -5.53 5.44
N TRP G 106 -0.46 -6.72 5.91
CA TRP G 106 -0.33 -6.98 7.31
C TRP G 106 1.13 -6.94 7.65
N ARG G 107 1.95 -7.73 6.97
CA ARG G 107 3.35 -7.74 7.33
C ARG G 107 3.98 -6.40 7.11
N ASN G 108 3.88 -5.84 5.91
CA ASN G 108 4.62 -4.63 5.65
C ASN G 108 4.09 -3.49 6.46
N GLU G 109 2.81 -3.29 6.35
CA GLU G 109 2.22 -2.09 6.93
C GLU G 109 2.41 -2.21 8.41
N GLN G 110 2.18 -3.41 8.89
CA GLN G 110 1.90 -3.54 10.28
C GLN G 110 3.11 -3.99 11.03
N SER G 111 4.22 -4.13 10.31
CA SER G 111 5.36 -4.87 10.79
C SER G 111 4.96 -6.06 11.67
N GLN H 1 -10.84 -8.58 23.68
CA GLN H 1 -12.08 -9.15 23.17
C GLN H 1 -12.44 -8.47 21.86
N VAL H 2 -12.50 -9.22 20.77
CA VAL H 2 -12.77 -8.63 19.47
C VAL H 2 -14.23 -8.85 19.08
N GLN H 3 -14.84 -7.79 18.53
CA GLN H 3 -16.26 -7.77 18.21
C GLN H 3 -16.58 -6.85 17.04
N LEU H 4 -17.73 -7.08 16.42
CA LEU H 4 -18.33 -6.13 15.47
C LEU H 4 -19.64 -5.63 16.06
N GLN H 5 -19.90 -4.33 15.97
CA GLN H 5 -21.10 -3.78 16.58
C GLN H 5 -22.10 -3.28 15.55
N GLU H 6 -23.22 -3.99 15.44
CA GLU H 6 -24.22 -3.69 14.42
C GLU H 6 -25.26 -2.69 14.92
N SER H 7 -25.59 -1.71 14.08
CA SER H 7 -26.56 -0.69 14.46
C SER H 7 -27.29 -0.10 13.26
N GLY H 8 -28.36 0.64 13.54
CA GLY H 8 -29.05 1.38 12.51
C GLY H 8 -30.31 0.74 11.97
N GLY H 9 -30.71 -0.41 12.54
CA GLY H 9 -31.91 -1.08 12.11
C GLY H 9 -33.15 -0.38 12.64
N GLY H 10 -34.30 -0.98 12.42
CA GLY H 10 -35.56 -0.41 12.90
C GLY H 10 -36.73 -0.74 12.01
N LEU H 11 -37.89 -0.17 12.33
CA LEU H 11 -39.10 -0.42 11.55
C LEU H 11 -39.29 0.63 10.45
N VAL H 12 -39.65 0.18 9.26
CA VAL H 12 -39.80 1.06 8.11
C VAL H 12 -40.94 0.58 7.22
N GLN H 13 -41.55 1.51 6.48
CA GLN H 13 -42.61 1.15 5.54
C GLN H 13 -42.00 0.51 4.31
N PRO H 14 -42.76 -0.36 3.64
CA PRO H 14 -42.32 -0.91 2.35
C PRO H 14 -41.92 0.19 1.37
N GLY H 15 -40.79 0.01 0.70
CA GLY H 15 -40.24 1.03 -0.17
C GLY H 15 -39.27 1.94 0.56
N GLY H 16 -39.28 1.86 1.89
CA GLY H 16 -38.46 2.72 2.74
C GLY H 16 -36.97 2.41 2.71
N SER H 17 -36.22 3.15 3.51
CA SER H 17 -34.76 2.99 3.60
C SER H 17 -34.24 2.89 5.03
N LEU H 18 -33.06 2.30 5.15
CA LEU H 18 -32.30 2.27 6.40
C LEU H 18 -30.83 2.22 6.02
N ARG H 19 -29.89 2.44 6.56
CA ARG H 19 -28.45 2.42 6.37
C ARG H 19 -27.87 1.64 7.52
N LEU H 20 -27.29 0.77 7.71
CA LEU H 20 -26.78 -0.04 8.79
C LEU H 20 -25.30 0.20 8.99
N SER H 21 -24.83 0.05 10.22
CA SER H 21 -23.42 0.24 10.53
C SER H 21 -22.79 -0.98 11.20
N CYS H 22 -21.57 -1.28 10.78
CA CYS H 22 -20.77 -2.35 11.38
C CYS H 22 -19.48 -1.72 11.89
N ALA H 23 -19.29 -1.70 13.20
CA ALA H 23 -18.13 -1.05 13.78
C ALA H 23 -17.28 -2.05 14.55
N ALA H 24 -15.98 -2.09 14.22
CA ALA H 24 -15.07 -2.99 14.91
C ALA H 24 -14.87 -2.53 16.34
N SER H 25 -14.82 -3.48 17.27
CA SER H 25 -14.49 -3.22 18.65
C SER H 25 -13.34 -4.13 19.05
N GLY H 26 -12.27 -3.53 19.58
CA GLY H 26 -11.11 -4.32 19.99
C GLY H 26 -10.16 -4.61 18.84
N PHE H 27 -10.46 -4.07 17.65
CA PHE H 27 -9.52 -4.19 16.55
C PHE H 27 -9.81 -3.18 15.46
N THR H 28 -8.95 -3.14 14.46
CA THR H 28 -9.11 -2.26 13.32
C THR H 28 -9.47 -3.08 12.08
N LEU H 29 -10.55 -2.71 11.39
CA LEU H 29 -11.02 -3.54 10.28
C LEU H 29 -10.46 -3.15 8.90
N ASP H 30 -9.53 -2.20 8.87
CA ASP H 30 -8.97 -1.69 7.61
C ASP H 30 -8.56 -2.76 6.59
N TYR H 31 -7.81 -3.77 7.04
CA TYR H 31 -7.24 -4.74 6.12
C TYR H 31 -8.19 -5.88 5.79
N TYR H 32 -9.31 -5.96 6.50
CA TYR H 32 -10.24 -7.08 6.35
C TYR H 32 -11.36 -6.78 5.38
N ALA H 33 -11.76 -7.80 4.64
CA ALA H 33 -13.02 -7.73 3.92
C ALA H 33 -14.12 -7.86 4.96
N ILE H 34 -15.25 -7.22 4.69
CA ILE H 34 -16.40 -7.26 5.59
C ILE H 34 -17.63 -7.68 4.82
N GLY H 35 -18.52 -8.39 5.49
CA GLY H 35 -19.72 -8.86 4.83
C GLY H 35 -20.90 -8.85 5.76
N TRP H 36 -22.08 -8.90 5.17
CA TRP H 36 -23.33 -8.89 5.90
C TRP H 36 -24.06 -10.19 5.61
N PHE H 37 -24.63 -10.80 6.64
CA PHE H 37 -25.63 -11.83 6.42
C PHE H 37 -26.84 -11.46 7.26
N ARG H 38 -27.97 -12.07 7.01
CA ARG H 38 -29.14 -11.76 7.81
C ARG H 38 -29.84 -13.03 8.17
N GLN H 39 -30.60 -12.98 9.25
CA GLN H 39 -31.35 -14.13 9.69
C GLN H 39 -32.71 -13.64 10.18
N ALA H 40 -33.76 -14.23 9.62
CA ALA H 40 -35.10 -13.98 10.11
C ALA H 40 -35.59 -15.25 10.78
N PRO H 41 -36.48 -15.12 11.77
CA PRO H 41 -37.01 -16.31 12.45
C PRO H 41 -37.70 -17.23 11.44
N GLY H 42 -37.37 -18.52 11.50
CA GLY H 42 -37.88 -19.51 10.57
C GLY H 42 -37.09 -19.62 9.28
N LYS H 43 -35.94 -18.95 9.23
CA LYS H 43 -35.06 -19.01 8.07
C LYS H 43 -33.59 -19.24 8.47
N GLU H 44 -32.81 -19.74 7.52
CA GLU H 44 -31.37 -19.95 7.69
C GLU H 44 -30.59 -18.65 7.61
N ARG H 45 -29.37 -18.63 8.14
CA ARG H 45 -28.50 -17.49 7.89
C ARG H 45 -28.44 -17.34 6.39
N GLU H 46 -28.62 -16.11 5.92
CA GLU H 46 -28.59 -15.85 4.49
C GLU H 46 -27.64 -14.70 4.17
N GLY H 47 -26.72 -14.96 3.25
CA GLY H 47 -25.75 -13.95 2.87
C GLY H 47 -26.42 -12.78 2.19
N VAL H 48 -26.02 -11.57 2.57
CA VAL H 48 -26.58 -10.36 1.98
C VAL H 48 -25.59 -9.65 1.04
N SER H 49 -24.48 -9.21 1.61
CA SER H 49 -23.55 -8.37 0.88
C SER H 49 -22.13 -8.60 1.38
N CYS H 50 -21.17 -8.15 0.59
CA CYS H 50 -19.77 -8.28 0.93
C CYS H 50 -18.95 -7.14 0.34
N ILE H 51 -17.94 -6.67 1.08
CA ILE H 51 -17.07 -5.63 0.54
C ILE H 51 -15.62 -5.92 0.88
N SER H 52 -14.74 -5.71 -0.10
CA SER H 52 -13.31 -5.93 0.05
C SER H 52 -12.69 -4.83 0.90
N SER H 53 -11.51 -5.12 1.44
CA SER H 53 -10.76 -4.15 2.22
C SER H 53 -10.59 -2.82 1.50
N SER H 54 -10.30 -2.88 0.20
CA SER H 54 -10.06 -1.68 -0.58
C SER H 54 -11.34 -1.04 -1.10
N GLY H 55 -12.46 -1.75 -0.97
CA GLY H 55 -13.73 -1.26 -1.49
C GLY H 55 -13.87 -1.45 -2.99
N GLY H 56 -12.79 -1.89 -3.62
CA GLY H 56 -12.76 -2.09 -5.06
C GLY H 56 -13.58 -3.28 -5.50
N THR H 57 -13.94 -4.13 -4.54
CA THR H 57 -14.79 -5.28 -4.83
C THR H 57 -15.99 -5.34 -3.89
N THR H 58 -17.18 -5.36 -4.47
CA THR H 58 -18.40 -5.54 -3.71
C THR H 58 -19.19 -6.71 -4.28
N ASN H 59 -19.91 -7.40 -3.41
CA ASN H 59 -20.76 -8.51 -3.82
C ASN H 59 -22.12 -8.38 -3.16
N TYR H 60 -23.15 -8.89 -3.81
CA TYR H 60 -24.51 -8.81 -3.30
C TYR H 60 -25.27 -10.10 -3.60
N ALA H 61 -26.12 -10.53 -2.67
CA ALA H 61 -27.00 -11.65 -2.96
C ALA H 61 -27.91 -11.21 -4.08
N ASP H 62 -28.30 -12.16 -4.92
CA ASP H 62 -29.08 -11.85 -6.11
C ASP H 62 -30.32 -11.03 -5.80
N SER H 63 -31.00 -11.38 -4.70
CA SER H 63 -32.29 -10.76 -4.37
C SER H 63 -32.21 -9.34 -3.81
N VAL H 64 -31.05 -8.92 -3.31
CA VAL H 64 -30.89 -7.52 -2.93
C VAL H 64 -30.13 -6.68 -3.95
N LYS H 65 -29.65 -7.30 -5.03
CA LYS H 65 -28.80 -6.59 -5.96
C LYS H 65 -29.53 -5.41 -6.62
N GLY H 66 -28.90 -4.24 -6.51
CA GLY H 66 -29.40 -3.01 -7.07
C GLY H 66 -30.18 -2.19 -6.06
N ARG H 67 -30.77 -2.86 -5.08
CA ARG H 67 -31.47 -2.19 -3.98
C ARG H 67 -30.53 -1.75 -2.84
N PHE H 68 -29.51 -2.56 -2.54
CA PHE H 68 -28.61 -2.29 -1.43
C PHE H 68 -27.24 -1.78 -1.90
N THR H 69 -26.61 -0.93 -1.10
CA THR H 69 -25.24 -0.53 -1.39
C THR H 69 -24.37 -0.63 -0.15
N VAL H 70 -23.28 -1.38 -0.28
CA VAL H 70 -22.34 -1.54 0.81
C VAL H 70 -21.11 -0.66 0.58
N SER H 71 -20.72 0.06 1.62
CA SER H 71 -19.54 0.92 1.57
C SER H 71 -18.82 0.78 2.88
N ARG H 72 -17.60 1.31 2.94
CA ARG H 72 -16.85 1.25 4.17
C ARG H 72 -16.07 2.54 4.37
N ASP H 73 -15.82 2.88 5.63
CA ASP H 73 -14.91 3.97 5.94
C ASP H 73 -13.86 3.47 6.92
N ASN H 74 -12.63 3.34 6.42
CA ASN H 74 -11.56 2.74 7.22
C ASN H 74 -11.03 3.73 8.24
N ALA H 75 -11.13 5.01 7.91
CA ALA H 75 -10.70 6.05 8.86
C ALA H 75 -11.60 6.04 10.07
N LYS H 76 -12.86 5.65 9.87
CA LYS H 76 -13.81 5.55 10.97
C LYS H 76 -13.99 4.13 11.51
N ASN H 77 -13.24 3.17 10.95
CA ASN H 77 -13.32 1.78 11.39
C ASN H 77 -14.74 1.22 11.32
N THR H 78 -15.50 1.65 10.32
CA THR H 78 -16.90 1.28 10.22
C THR H 78 -17.35 0.93 8.79
N VAL H 79 -18.19 -0.08 8.66
CA VAL H 79 -18.77 -0.45 7.38
C VAL H 79 -20.28 -0.18 7.38
N TYR H 80 -20.78 0.29 6.24
CA TYR H 80 -22.18 0.66 6.14
C TYR H 80 -22.91 -0.18 5.11
N LEU H 81 -24.19 -0.43 5.36
CA LEU H 81 -25.06 -1.00 4.35
C LEU H 81 -26.24 -0.08 4.11
N GLN H 82 -26.28 0.57 2.95
CA GLN H 82 -27.41 1.41 2.61
C GLN H 82 -28.47 0.56 1.93
N MET H 83 -29.64 0.48 2.58
CA MET H 83 -30.73 -0.33 2.08
C MET H 83 -31.82 0.55 1.52
N ASN H 84 -32.06 0.42 0.22
CA ASN H 84 -33.09 1.19 -0.45
C ASN H 84 -34.17 0.26 -0.98
N SER H 85 -35.37 0.81 -1.17
CA SER H 85 -36.49 0.06 -1.74
C SER H 85 -36.76 -1.21 -0.93
N LEU H 86 -36.91 -1.05 0.37
CA LEU H 86 -37.02 -2.17 1.30
C LEU H 86 -38.33 -2.92 1.12
N LYS H 87 -38.26 -4.25 1.16
CA LYS H 87 -39.44 -5.08 0.97
C LYS H 87 -39.70 -5.91 2.23
N PRO H 88 -40.94 -6.41 2.39
CA PRO H 88 -41.28 -7.21 3.56
C PRO H 88 -40.35 -8.42 3.76
N GLU H 89 -39.80 -8.95 2.68
CA GLU H 89 -38.90 -10.10 2.75
C GLU H 89 -37.55 -9.76 3.37
N ASP H 90 -37.31 -8.48 3.56
CA ASP H 90 -36.02 -8.03 4.07
C ASP H 90 -36.04 -7.98 5.59
N THR H 91 -37.17 -8.32 6.19
CA THR H 91 -37.29 -8.32 7.65
C THR H 91 -36.46 -9.45 8.23
N ALA H 92 -35.52 -9.08 9.10
CA ALA H 92 -34.56 -10.01 9.69
C ALA H 92 -33.57 -9.27 10.58
N VAL H 93 -32.80 -10.02 11.34
CA VAL H 93 -31.68 -9.44 12.06
C VAL H 93 -30.44 -9.45 11.17
N TYR H 94 -29.78 -8.31 11.08
CA TYR H 94 -28.61 -8.19 10.21
C TYR H 94 -27.31 -8.28 11.01
N TYR H 95 -26.35 -9.03 10.47
CA TYR H 95 -25.09 -9.30 11.17
C TYR H 95 -23.87 -8.95 10.32
N CYS H 96 -22.80 -8.54 11.00
CA CYS H 96 -21.55 -8.18 10.34
C CYS H 96 -20.53 -9.30 10.55
N VAL H 97 -19.69 -9.84 9.73
CA VAL H 97 -18.51 -10.65 9.82
C VAL H 97 -17.37 -9.83 9.22
N ALA H 98 -16.22 -10.26 9.60
CA ALA H 98 -14.93 -9.85 9.06
C ALA H 98 -14.23 -11.06 8.47
N ASP H 99 -13.61 -10.88 7.30
CA ASP H 99 -12.96 -11.99 6.62
C ASP H 99 -11.79 -11.52 5.75
N PHE H 100 -11.09 -12.48 5.12
CA PHE H 100 -9.89 -12.16 4.38
C PHE H 100 -10.15 -11.69 2.96
N ALA H 101 -11.33 -12.01 2.45
CA ALA H 101 -11.65 -11.66 1.07
C ALA H 101 -13.15 -11.58 0.83
N CYS H 102 -13.50 -10.87 -0.22
CA CYS H 102 -14.85 -10.85 -0.75
C CYS H 102 -14.79 -11.42 -2.17
N PRO H 103 -15.47 -12.55 -2.42
CA PRO H 103 -16.46 -13.25 -1.59
C PRO H 103 -15.85 -13.92 -0.35
N LEU H 104 -16.68 -14.07 0.68
CA LEU H 104 -16.23 -14.57 1.96
C LEU H 104 -15.66 -15.99 1.86
N ILE H 105 -14.56 -16.24 2.58
CA ILE H 105 -13.99 -17.58 2.63
C ILE H 105 -14.68 -18.43 3.69
N ARG H 106 -14.86 -17.85 4.87
CA ARG H 106 -15.37 -18.60 6.00
C ARG H 106 -16.89 -18.59 6.05
N GLU H 107 -17.46 -19.69 6.52
CA GLU H 107 -18.89 -19.80 6.73
C GLU H 107 -19.36 -18.71 7.67
N TYR H 108 -20.60 -18.27 7.49
CA TYR H 108 -21.16 -17.21 8.30
C TYR H 108 -21.11 -17.57 9.78
N ASP H 109 -20.74 -16.58 10.59
CA ASP H 109 -20.68 -16.75 12.03
C ASP H 109 -20.89 -15.40 12.71
N TYR H 110 -21.39 -15.42 13.95
CA TYR H 110 -21.77 -14.20 14.65
C TYR H 110 -20.60 -13.50 15.33
N TRP H 111 -20.40 -12.23 14.97
CA TRP H 111 -19.43 -11.36 15.60
C TRP H 111 -20.07 -10.40 16.60
N GLY H 112 -21.40 -10.45 16.68
CA GLY H 112 -22.15 -9.50 17.47
C GLY H 112 -23.61 -9.89 17.68
N GLN H 113 -24.40 -9.02 18.30
N GLN H 113 -24.36 -8.96 18.25
CA GLN H 113 -25.81 -9.34 18.53
CA GLN H 113 -25.75 -9.17 18.61
C GLN H 113 -26.70 -8.95 17.37
C GLN H 113 -26.68 -8.84 17.46
N GLY H 114 -26.14 -8.20 16.43
CA GLY H 114 -26.91 -7.82 15.25
C GLY H 114 -27.90 -6.70 15.49
N THR H 115 -28.46 -6.18 14.41
CA THR H 115 -29.45 -5.11 14.50
C THR H 115 -30.71 -5.56 13.76
N GLN H 116 -31.87 -5.30 14.37
CA GLN H 116 -33.13 -5.77 13.82
C GLN H 116 -33.62 -4.85 12.69
N VAL H 117 -34.03 -5.44 11.57
CA VAL H 117 -34.67 -4.69 10.50
C VAL H 117 -36.09 -5.20 10.23
N THR H 118 -37.08 -4.35 10.44
CA THR H 118 -38.46 -4.76 10.18
C THR H 118 -39.14 -3.89 9.13
N VAL H 119 -39.53 -4.52 8.02
CA VAL H 119 -40.29 -3.83 6.99
C VAL H 119 -41.74 -4.30 7.02
N SER H 120 -42.66 -3.42 7.41
CA SER H 120 -44.06 -3.81 7.54
C SER H 120 -45.00 -2.62 7.32
N SER H 121 -46.18 -2.89 6.79
CA SER H 121 -47.17 -1.84 6.50
C SER H 121 -48.13 -1.67 7.66
N HIS H 122 -48.30 -0.41 8.08
CA HIS H 122 -49.23 -0.06 9.14
C HIS H 122 -50.11 1.12 8.74
P PO4 I . 44.65 -4.05 -40.38
O1 PO4 I . 46.04 -4.23 -39.87
O2 PO4 I . 44.57 -2.84 -41.23
O3 PO4 I . 43.77 -3.84 -39.22
O4 PO4 I . 44.23 -5.26 -41.14
P PO4 J . 27.27 4.57 -53.25
O1 PO4 J . 28.58 4.10 -53.77
O2 PO4 J . 27.52 5.51 -52.11
O3 PO4 J . 26.51 3.38 -52.75
O4 PO4 J . 26.51 5.38 -54.25
C ACT K . 26.28 -4.17 -37.97
O ACT K . 26.30 -5.31 -38.50
OXT ACT K . 25.46 -4.01 -37.03
CH3 ACT K . 27.20 -3.07 -38.45
H1 ACT K . 27.03 -2.18 -37.86
H2 ACT K . 27.01 -2.87 -39.50
H3 ACT K . 28.23 -3.40 -38.33
P PO4 L . 4.81 21.00 -26.02
O1 PO4 L . 5.82 21.92 -26.56
O2 PO4 L . 4.20 20.22 -27.13
O3 PO4 L . 5.47 20.06 -25.06
O4 PO4 L . 3.75 21.72 -25.26
C1 EDO M . 22.67 8.75 -34.18
O1 EDO M . 22.52 10.14 -33.86
C2 EDO M . 23.70 8.53 -35.28
O2 EDO M . 24.63 7.50 -34.89
H11 EDO M . 22.97 8.21 -33.28
H12 EDO M . 21.71 8.35 -34.50
HO1 EDO M . 21.86 10.24 -33.16
H21 EDO M . 24.25 9.45 -35.48
H22 EDO M . 23.21 8.23 -36.20
HO2 EDO M . 25.28 7.37 -35.59
P PO4 N . 12.41 29.09 -4.89
O1 PO4 N . 13.32 27.95 -4.50
O2 PO4 N . 13.13 30.41 -4.67
O3 PO4 N . 11.18 29.07 -4.01
O4 PO4 N . 12.01 28.98 -6.34
P PO4 O . 8.09 19.25 9.49
O1 PO4 O . 9.55 19.31 9.19
O2 PO4 O . 7.68 17.84 9.68
O3 PO4 O . 7.89 20.05 10.72
O4 PO4 O . 7.36 19.87 8.35
N1 EPE P . 6.92 5.70 -26.28
C2 EPE P . 8.06 6.27 -27.00
C3 EPE P . 8.52 7.54 -26.37
N4 EPE P . 7.45 8.53 -26.36
C5 EPE P . 6.35 8.01 -25.54
C6 EPE P . 5.83 6.67 -26.04
C7 EPE P . 7.91 9.70 -25.66
C8 EPE P . 9.15 10.33 -26.26
O8 EPE P . 10.30 10.17 -25.45
C9 EPE P . 6.46 4.63 -27.20
C10 EPE P . 5.30 3.80 -26.72
S EPE P . 5.80 2.61 -25.70
O1S EPE P . 7.20 2.73 -25.37
O2S EPE P . 5.58 1.32 -26.30
O3S EPE P . 5.05 2.66 -24.46
H21 EPE P . 7.81 6.47 -28.03
H22 EPE P . 8.88 5.54 -26.98
H31 EPE P . 9.38 7.95 -26.89
H32 EPE P . 8.82 7.35 -25.33
H51 EPE P . 5.54 8.74 -25.54
H52 EPE P . 6.72 7.90 -24.52
H61 EPE P . 5.29 6.82 -26.97
H62 EPE P . 5.15 6.25 -25.31
H71 EPE P . 8.12 9.43 -24.62
H72 EPE P . 7.11 10.44 -25.65
H81 EPE P . 8.97 11.38 -26.42
H82 EPE P . 9.34 9.87 -27.24
HO8 EPE P . 10.61 9.27 -25.50
H91 EPE P . 6.20 5.08 -28.15
H92 EPE P . 7.30 3.96 -27.38
H101 EPE P . 4.59 4.44 -26.20
H102 EPE P . 4.79 3.35 -27.56
P PO4 Q . -36.92 -4.49 -24.62
O1 PO4 Q . -35.61 -4.33 -25.24
O2 PO4 Q . -37.49 -5.81 -24.72
O3 PO4 Q . -36.80 -4.15 -23.22
O4 PO4 Q . -37.77 -3.55 -25.33
P PO4 R . 8.31 -1.45 -23.27
O1 PO4 R . 9.45 -0.71 -22.62
O2 PO4 R . 7.11 -0.54 -23.25
O3 PO4 R . 8.02 -2.74 -22.54
O4 PO4 R . 8.68 -1.79 -24.69
C1 PDO S . 14.67 15.66 -8.30
O1 PDO S . 14.98 15.05 -9.54
C2 PDO S . 15.89 16.34 -7.74
C3 PDO S . 15.61 17.74 -7.30
O3 PDO S . 16.10 18.67 -8.22
H11 PDO S . 13.88 16.40 -8.44
H12 PDO S . 14.32 14.91 -7.60
HO1 PDO S . 14.89 14.09 -9.44
H21 PDO S . 16.26 15.76 -6.90
H22 PDO S . 16.68 16.35 -8.50
H31 PDO S . 14.54 17.87 -7.20
H32 PDO S . 16.06 17.93 -6.33
HO3 PDO S . 16.93 19.03 -7.88
P PO4 T . -23.42 4.17 39.47
O1 PO4 T . -22.34 5.00 40.16
O2 PO4 T . -22.78 2.94 38.87
O3 PO4 T . -24.47 3.77 40.47
O4 PO4 T . -24.08 4.97 38.37
P PO4 U . -28.00 -5.66 53.14
O1 PO4 U . -27.15 -5.26 54.28
O2 PO4 U . -27.27 -6.45 52.11
O3 PO4 U . -28.52 -4.42 52.51
O4 PO4 U . -29.10 -6.53 53.58
N1 EPE V . -29.10 -18.42 18.21
C2 EPE V . -28.26 -18.26 17.00
C3 EPE V . -28.40 -16.93 16.30
N4 EPE V . -28.24 -15.87 17.29
C5 EPE V . -29.14 -15.96 18.47
C6 EPE V . -29.90 -17.27 18.67
C7 EPE V . -26.84 -15.82 17.67
C8 EPE V . -26.56 -14.43 18.18
O8 EPE V . -25.21 -14.39 18.59
C9 EPE V . -29.98 -19.58 18.09
C10 EPE V . -29.12 -20.81 17.92
S EPE V . -29.95 -22.22 18.03
O1S EPE V . -30.54 -22.36 19.35
O2S EPE V . -29.00 -23.27 17.78
O3S EPE V . -30.92 -22.31 16.97
H21 EPE V . -28.46 -19.05 16.27
H22 EPE V . -27.22 -18.36 17.30
H31 EPE V . -29.37 -16.85 15.82
H32 EPE V . -27.62 -16.85 15.53
H51 EPE V . -29.87 -15.17 18.37
H52 EPE V . -28.57 -15.77 19.38
H61 EPE V . -30.83 -17.24 18.13
H62 EPE V . -30.11 -17.40 19.74
H71 EPE V . -26.64 -16.55 18.45
H72 EPE V . -26.20 -16.03 16.82
H81 EPE V . -27.22 -14.19 19.01
H82 EPE V . -26.73 -13.70 17.39
HO8 EPE V . -25.02 -13.55 19.02
H91 EPE V . -30.63 -19.45 17.23
H92 EPE V . -30.60 -19.67 18.98
H101 EPE V . -28.64 -20.77 16.94
H102 EPE V . -28.34 -20.80 18.68
P PO4 W . -9.71 -35.05 8.44
O1 PO4 W . -9.04 -35.32 9.76
O2 PO4 W . -8.95 -35.76 7.34
O3 PO4 W . -9.73 -33.56 8.19
O4 PO4 W . -11.14 -35.54 8.47
C1 PDO X . -10.66 -29.76 6.03
O1 PDO X . -11.03 -28.80 6.99
C2 PDO X . -10.47 -29.11 4.66
C3 PDO X . -9.15 -28.37 4.60
O3 PDO X . -9.38 -26.97 4.48
H11 PDO X . -11.37 -30.43 5.96
H12 PDO X . -9.84 -30.19 6.30
HO1 PDO X . -10.72 -29.04 7.79
H21 PDO X . -10.48 -29.80 3.97
H22 PDO X . -11.20 -28.48 4.49
H31 PDO X . -8.64 -28.67 3.82
H32 PDO X . -8.64 -28.54 5.41
HO3 PDO X . -9.97 -26.72 5.10
#